data_5OWU
#
_entry.id   5OWU
#
_cell.length_a   58.372
_cell.length_b   126.534
_cell.length_c   69.649
_cell.angle_alpha   90.00
_cell.angle_beta   100.17
_cell.angle_gamma   90.00
#
_symmetry.space_group_name_H-M   'P 1 21 1'
#
loop_
_entity.id
_entity.type
_entity.pdbx_description
1 polymer 'Importin subunit beta-1'
2 polymer 'Nucleoporin NUP1'
3 water water
#
loop_
_entity_poly.entity_id
_entity_poly.type
_entity_poly.pdbx_seq_one_letter_code
_entity_poly.pdbx_strand_id
1 'polypeptide(L)'
;MSTAEFAQLLENSILSPDQNIRLTSETQLKKLSNDNFLQFAGLSSQVLIDENTKLEGRILAALTLKNELVSKDSVKTQQF
AQRWITQVSPEAKNQIKTNALTALVSIEPRIANAAAQLIAAIADIELPHGAWPELMKIMVDNTGAEQPENVKRASLLALG
YMCESADPQSQALVSSSNNILIAIVQGAQSTETSKAVRLAALNALADSLIFIKNNMEREGERNYLMQVVCEATQAEDIEV
QAAAFGCLCKIMSLYYTFMKPYMEQALYALTIATMKSPNDKVASMTVEFWSTICEEEIDIAYELAQFPQSPLQSYNFALS
SIKDVVPNLLNLLTRQNEDPEDDDWNVSMSAGACLQLFAQNCGNHILEPVLEFVEQNITADNWRNREAAVMAFGSIMDGP
DKVQRTYYVHQALPSILNLMNDQSLQVKETTAWCIGRIADSVAESIDPQQHLPGVVQACLIGLQDHPKVATNCSWTIINL
VEQLAEATPSPIYNFYPALVDGLIGAANRIDNEFNARASAFSALTTMVEYATDTVAETSASISTFVMDKLGQTMSVDENQ
LTLEDAQSLQELQSNILTVLAAVIRKSPSSVEPVADMLMGLFFRLLEKKDSAFIEDDVFYAISALAASLGKGFEKYLETF
SPYLLKALNQVDSPVSITAVGFIADISNSLEEDFRRYSDAMMNVLAQMISNPNARRELKPAVLSVFGDIASNIGADFIPY
LNDIMALCVAAQNTKPENGTLEALDYQIKVLEAVLDAYVGIVAGLHDKPEALFPYVGTIFQFIAQVAEDPQLYSEDATSR
AAVGLIGDIAAMFPDGSIKQFYGQDWVIDYIKRTRSGQLFSQATKDTARWAREQQKRQLSL
;
A
2 'polypeptide(L)'
;MSSNTSSVMSSPRVEKRSFSSTLKSFFTNPNKKRPSSKKVFSSNLSYANHLEESDVEDTLHVNKRKRVSGTSQHSDSLTQ
NNNNAPIIIYGTENTERPPLLPILPIQRLRLLREKQRVRNMRELGLIQSTEFPSITSSVILGSQSKSDEGGSYLCTSSTP
SPIKNGSCTRQLAGKSGEDTNVGLPILKSLKNRSNRKRFHSQSKGTVWSANFEYDLSEYDAIQKKDNKDKEGNAGGDQKT
SENRNNIKSSISNGNLATGPNLTSEIEDLRADINSNRLSNPQKNLLLKGPASTVAKTAPIQESFVPNSERSGTPTLKKNI
EPKKDKESIVLPTVGFDFIKDNETPSKKTSPKATSSAGAVFKSSVEMGKTDKSTKTAEAPTLSFNFSQKANKTKAVDNTV
PSTTLFNFGGKSDTVTSASQPFKFGKTSEKSENHTESDAPPKSTAPIFSFGKQEENGDEGDDENEPKRKRRLPVSEDTNT
KPLFDFGKTGDQKETKKGESEKDASGKPSFVFGASDKQAEGTPLFTFGKKADVTSNIDSSAQFTFGKAATAKETHTKPSE
TPATIVKKPTFTFGQSTSENKISEGSAKPTFSFSKSEEERKSSPISNEAAKPSFSFPGKPVDVQAPTDDKTLKPTFSFTE
PAQKDSSVVSEPKKPSFTFASSKTSQPKPLFSFGKSDAAKEPPGSNTSFSFTKPPANETDKRPTPPSFTFGGSTTNNTTT
TSTKPSFSFGAPESMKSTASTAAANTEKLSNGFSFTKFNHNKEKSNSPTSFFDGSASSTPIPVLGKPTDATGNTTSKSAF
SFGTANTNGTNASANSTSFSFNAPATGNGTTTTSNTSGTNIAGTFNVGKPDQSIASGNTNGAGSAFGFSSSGTAATGAAS
NQSSFNFGNNGAGGLNPFTSATSSTNANAGLFNKPPSTNAQNVNVPSAFNFTGNNSTPGGGSVFNMNGNTNANTVFAGSN
NQPHQSQTPSFNTNSSFTPSTVPNINFSGLNGGITNTATNALRPSDIFGANAASGSNSNVTNPSSIFGGAGGVPTTSFGQ
PQSAPNQMGMGTNNGMSMGGGVMANRKIARMRHSKR
;
B
#
# COMPACT_ATOMS: atom_id res chain seq x y z
N MET A 1 -24.45 -29.03 28.60
CA MET A 1 -24.33 -29.58 27.22
C MET A 1 -23.23 -30.63 27.15
N SER A 2 -23.49 -31.69 26.39
CA SER A 2 -22.55 -32.78 26.22
C SER A 2 -21.71 -32.58 24.96
N THR A 3 -20.63 -33.36 24.85
CA THR A 3 -19.80 -33.31 23.66
C THR A 3 -20.62 -33.58 22.40
N ALA A 4 -21.53 -34.55 22.46
CA ALA A 4 -22.28 -34.94 21.27
C ALA A 4 -23.21 -33.82 20.83
N GLU A 5 -23.89 -33.18 21.78
CA GLU A 5 -24.81 -32.09 21.43
C GLU A 5 -24.04 -30.91 20.84
N PHE A 6 -22.91 -30.54 21.46
CA PHE A 6 -22.10 -29.45 20.95
C PHE A 6 -21.64 -29.76 19.52
N ALA A 7 -21.16 -30.99 19.31
CA ALA A 7 -20.73 -31.39 17.97
C ALA A 7 -21.87 -31.27 16.98
N GLN A 8 -23.09 -31.61 17.41
CA GLN A 8 -24.24 -31.50 16.52
C GLN A 8 -24.53 -30.04 16.18
N LEU A 9 -24.43 -29.13 17.15
CA LEU A 9 -24.55 -27.71 16.87
C LEU A 9 -23.55 -27.27 15.80
N LEU A 10 -22.26 -27.57 16.00
CA LEU A 10 -21.24 -27.16 15.02
C LEU A 10 -21.57 -27.72 13.62
N GLU A 11 -21.78 -29.03 13.55
CA GLU A 11 -22.12 -29.67 12.29
C GLU A 11 -23.28 -28.96 11.63
N ASN A 12 -24.40 -28.80 12.34
CA ASN A 12 -25.56 -28.13 11.77
C ASN A 12 -25.23 -26.71 11.32
N SER A 13 -24.34 -26.05 12.05
CA SER A 13 -23.99 -24.68 11.72
C SER A 13 -23.37 -24.58 10.32
N ILE A 14 -22.68 -25.62 9.86
CA ILE A 14 -22.02 -25.53 8.55
C ILE A 14 -22.56 -26.51 7.52
N LEU A 15 -23.31 -27.54 7.91
CA LEU A 15 -23.69 -28.62 7.00
C LEU A 15 -25.19 -28.81 6.85
N SER A 16 -26.01 -28.05 7.56
CA SER A 16 -27.45 -28.25 7.42
C SER A 16 -27.92 -27.64 6.11
N PRO A 17 -28.74 -28.36 5.32
CA PRO A 17 -29.31 -27.73 4.12
C PRO A 17 -30.24 -26.59 4.44
N ASP A 18 -30.70 -26.49 5.68
CA ASP A 18 -31.69 -25.51 6.10
C ASP A 18 -30.95 -24.31 6.68
N GLN A 19 -30.92 -23.22 5.92
CA GLN A 19 -30.24 -22.01 6.38
C GLN A 19 -30.73 -21.56 7.75
N ASN A 20 -32.02 -21.74 8.03
CA ASN A 20 -32.56 -21.42 9.35
C ASN A 20 -31.82 -22.18 10.44
N ILE A 21 -31.65 -23.50 10.24
CA ILE A 21 -30.97 -24.32 11.23
C ILE A 21 -29.51 -23.90 11.36
N ARG A 22 -28.88 -23.51 10.25
CA ARG A 22 -27.49 -23.06 10.32
C ARG A 22 -27.38 -21.82 11.20
N LEU A 23 -28.27 -20.85 11.01
CA LEU A 23 -28.18 -19.61 11.78
C LEU A 23 -28.56 -19.86 13.24
N THR A 24 -29.60 -20.66 13.49
CA THR A 24 -29.95 -21.02 14.85
C THR A 24 -28.78 -21.68 15.57
N SER A 25 -28.07 -22.57 14.88
CA SER A 25 -26.93 -23.24 15.49
C SER A 25 -25.80 -22.27 15.76
N GLU A 26 -25.51 -21.36 14.81
CA GLU A 26 -24.46 -20.37 15.01
C GLU A 26 -24.79 -19.45 16.19
N THR A 27 -26.05 -19.06 16.30
CA THR A 27 -26.46 -18.21 17.41
C THR A 27 -26.29 -18.95 18.74
N GLN A 28 -26.70 -20.22 18.79
CA GLN A 28 -26.57 -20.95 20.05
C GLN A 28 -25.11 -21.15 20.43
N LEU A 29 -24.24 -21.37 19.44
CA LEU A 29 -22.81 -21.52 19.73
C LEU A 29 -22.24 -20.23 20.29
N LYS A 30 -22.48 -19.10 19.61
CA LYS A 30 -22.00 -17.83 20.13
C LYS A 30 -22.56 -17.55 21.52
N LYS A 31 -23.82 -17.91 21.75
CA LYS A 31 -24.45 -17.66 23.04
C LYS A 31 -23.78 -18.46 24.15
N LEU A 32 -23.41 -19.72 23.86
CA LEU A 32 -22.68 -20.47 24.87
C LEU A 32 -21.29 -19.87 25.10
N SER A 33 -20.63 -19.41 24.03
CA SER A 33 -19.33 -18.78 24.25
C SER A 33 -19.45 -17.55 25.13
N ASN A 34 -20.58 -16.84 25.05
CA ASN A 34 -20.75 -15.66 25.90
C ASN A 34 -21.17 -16.05 27.32
N ASP A 35 -22.03 -17.05 27.47
CA ASP A 35 -22.61 -17.33 28.78
C ASP A 35 -21.71 -18.20 29.62
N ASN A 36 -20.98 -19.14 29.00
CA ASN A 36 -20.12 -20.06 29.74
C ASN A 36 -18.89 -20.36 28.88
N PHE A 37 -17.96 -19.41 28.84
CA PHE A 37 -16.79 -19.58 27.99
C PHE A 37 -15.98 -20.80 28.40
N LEU A 38 -15.85 -21.05 29.70
CA LEU A 38 -15.13 -22.23 30.15
C LEU A 38 -15.67 -23.49 29.47
N GLN A 39 -16.99 -23.69 29.54
CA GLN A 39 -17.57 -24.89 28.94
C GLN A 39 -17.44 -24.87 27.42
N PHE A 40 -17.70 -23.72 26.79
CA PHE A 40 -17.55 -23.59 25.34
C PHE A 40 -16.16 -24.04 24.88
N ALA A 41 -15.12 -23.56 25.57
CA ALA A 41 -13.75 -23.90 25.20
C ALA A 41 -13.44 -25.37 25.46
N GLY A 42 -13.85 -25.88 26.63
CA GLY A 42 -13.64 -27.30 26.91
C GLY A 42 -14.30 -28.19 25.89
N LEU A 43 -15.58 -27.93 25.62
CA LEU A 43 -16.33 -28.75 24.67
C LEU A 43 -15.75 -28.64 23.26
N SER A 44 -15.36 -27.43 22.85
CA SER A 44 -14.69 -27.27 21.55
C SER A 44 -13.47 -28.18 21.47
N SER A 45 -12.64 -28.16 22.52
CA SER A 45 -11.45 -29.00 22.52
C SER A 45 -11.81 -30.48 22.51
N GLN A 46 -12.94 -30.87 23.12
CA GLN A 46 -13.32 -32.29 23.13
CA GLN A 46 -13.33 -32.27 23.12
C GLN A 46 -13.82 -32.72 21.75
N VAL A 47 -14.55 -31.85 21.05
CA VAL A 47 -15.00 -32.20 19.71
C VAL A 47 -13.83 -32.30 18.75
N LEU A 48 -12.85 -31.41 18.90
CA LEU A 48 -11.65 -31.49 18.07
C LEU A 48 -11.10 -32.91 18.01
N ILE A 49 -11.10 -33.63 19.13
CA ILE A 49 -10.51 -34.97 19.20
C ILE A 49 -11.54 -36.08 19.06
N ASP A 50 -12.81 -35.74 18.78
CA ASP A 50 -13.88 -36.73 18.76
C ASP A 50 -13.97 -37.36 17.38
N GLU A 51 -13.46 -38.59 17.24
CA GLU A 51 -13.47 -39.26 15.95
C GLU A 51 -14.88 -39.52 15.44
N ASN A 52 -15.87 -39.59 16.34
CA ASN A 52 -17.26 -39.80 15.96
C ASN A 52 -17.89 -38.58 15.28
N THR A 53 -17.21 -37.44 15.29
CA THR A 53 -17.73 -36.21 14.69
C THR A 53 -17.14 -36.04 13.29
N LYS A 54 -17.95 -35.48 12.38
CA LYS A 54 -17.48 -35.20 11.03
C LYS A 54 -16.26 -34.30 11.08
N LEU A 55 -15.33 -34.52 10.13
CA LEU A 55 -14.08 -33.78 10.11
C LEU A 55 -14.30 -32.28 10.13
N GLU A 56 -15.22 -31.79 9.31
CA GLU A 56 -15.40 -30.35 9.21
C GLU A 56 -15.90 -29.76 10.52
N GLY A 57 -16.70 -30.51 11.28
CA GLY A 57 -17.14 -30.04 12.58
C GLY A 57 -16.01 -29.97 13.58
N ARG A 58 -15.07 -30.92 13.52
CA ARG A 58 -13.92 -30.91 14.42
C ARG A 58 -13.00 -29.73 14.10
N ILE A 59 -12.69 -29.55 12.81
CA ILE A 59 -11.91 -28.40 12.37
C ILE A 59 -12.59 -27.11 12.79
N LEU A 60 -13.91 -27.04 12.61
CA LEU A 60 -14.65 -25.85 12.98
C LEU A 60 -14.57 -25.60 14.49
N ALA A 61 -14.68 -26.64 15.29
CA ALA A 61 -14.54 -26.48 16.74
C ALA A 61 -13.22 -25.79 17.08
N ALA A 62 -12.11 -26.33 16.55
CA ALA A 62 -10.80 -25.76 16.85
C ALA A 62 -10.69 -24.33 16.36
N LEU A 63 -11.14 -24.05 15.14
CA LEU A 63 -10.93 -22.73 14.58
C LEU A 63 -11.81 -21.67 15.25
N THR A 64 -13.03 -22.03 15.65
CA THR A 64 -13.89 -21.09 16.35
C THR A 64 -13.29 -20.74 17.71
N LEU A 65 -12.84 -21.76 18.45
CA LEU A 65 -12.16 -21.44 19.71
C LEU A 65 -10.93 -20.57 19.45
N LYS A 66 -10.14 -20.89 18.42
CA LYS A 66 -8.97 -20.07 18.10
C LYS A 66 -9.37 -18.62 17.89
N ASN A 67 -10.46 -18.41 17.16
CA ASN A 67 -10.92 -17.05 16.89
C ASN A 67 -11.52 -16.38 18.11
N GLU A 68 -11.75 -17.12 19.20
CA GLU A 68 -12.08 -16.48 20.48
C GLU A 68 -10.85 -16.27 21.36
N LEU A 69 -9.65 -16.51 20.85
CA LEU A 69 -8.43 -16.42 21.64
C LEU A 69 -7.42 -15.44 21.08
N VAL A 70 -7.41 -15.21 19.77
CA VAL A 70 -6.54 -14.22 19.15
C VAL A 70 -7.36 -13.41 18.17
N SER A 71 -6.89 -12.19 17.92
CA SER A 71 -7.55 -11.27 17.00
C SER A 71 -6.49 -10.40 16.35
N LYS A 72 -6.88 -9.77 15.25
CA LYS A 72 -6.03 -8.72 14.68
C LYS A 72 -6.11 -7.46 15.53
N ASP A 73 -7.33 -7.06 15.91
CA ASP A 73 -7.51 -5.91 16.78
C ASP A 73 -6.76 -6.13 18.09
N SER A 74 -5.89 -5.18 18.44
CA SER A 74 -5.09 -5.32 19.66
CA SER A 74 -5.09 -5.33 19.66
C SER A 74 -5.96 -5.30 20.90
N VAL A 75 -7.01 -4.47 20.91
CA VAL A 75 -7.90 -4.39 22.06
C VAL A 75 -8.60 -5.74 22.26
N LYS A 76 -9.15 -6.29 21.19
CA LYS A 76 -9.75 -7.62 21.26
C LYS A 76 -8.73 -8.67 21.70
N THR A 77 -7.51 -8.58 21.17
CA THR A 77 -6.45 -9.49 21.61
C THR A 77 -6.31 -9.47 23.13
N GLN A 78 -6.20 -8.28 23.72
CA GLN A 78 -6.05 -8.17 25.16
C GLN A 78 -7.26 -8.71 25.91
N GLN A 79 -8.47 -8.40 25.44
CA GLN A 79 -9.68 -8.92 26.07
C GLN A 79 -9.70 -10.44 26.05
N PHE A 80 -9.39 -11.04 24.89
CA PHE A 80 -9.35 -12.49 24.77
C PHE A 80 -8.31 -13.09 25.72
N ALA A 81 -7.15 -12.44 25.84
CA ALA A 81 -6.11 -12.95 26.72
C ALA A 81 -6.60 -12.98 28.16
N GLN A 82 -7.17 -11.86 28.62
CA GLN A 82 -7.64 -11.82 30.01
C GLN A 82 -8.80 -12.78 30.24
N ARG A 83 -9.67 -12.97 29.25
CA ARG A 83 -10.75 -13.94 29.41
C ARG A 83 -10.22 -15.36 29.53
N TRP A 84 -9.25 -15.74 28.70
CA TRP A 84 -8.62 -17.05 28.87
C TRP A 84 -8.00 -17.18 30.26
N ILE A 85 -7.27 -16.14 30.69
CA ILE A 85 -6.53 -16.24 31.94
C ILE A 85 -7.46 -16.37 33.13
N THR A 86 -8.54 -15.58 33.18
CA THR A 86 -9.39 -15.52 34.37
C THR A 86 -10.64 -16.40 34.29
N GLN A 87 -11.22 -16.62 33.12
CA GLN A 87 -12.50 -17.30 33.04
C GLN A 87 -12.41 -18.79 32.71
N VAL A 88 -11.28 -19.27 32.20
CA VAL A 88 -11.07 -20.70 32.00
C VAL A 88 -10.27 -21.19 33.20
N SER A 89 -10.85 -22.10 33.97
CA SER A 89 -10.21 -22.61 35.17
C SER A 89 -8.90 -23.31 34.84
N PRO A 90 -7.98 -23.39 35.80
CA PRO A 90 -6.72 -24.12 35.57
C PRO A 90 -6.93 -25.56 35.08
N GLU A 91 -7.87 -26.30 35.65
CA GLU A 91 -8.12 -27.66 35.18
C GLU A 91 -8.69 -27.67 33.76
N ALA A 92 -9.59 -26.73 33.46
CA ALA A 92 -10.09 -26.61 32.10
C ALA A 92 -8.96 -26.30 31.12
N LYS A 93 -8.12 -25.33 31.46
CA LYS A 93 -6.95 -25.01 30.63
C LYS A 93 -6.14 -26.27 30.34
N ASN A 94 -5.81 -27.03 31.39
CA ASN A 94 -5.00 -28.23 31.21
CA ASN A 94 -5.00 -28.23 31.21
C ASN A 94 -5.67 -29.22 30.28
N GLN A 95 -6.99 -29.42 30.43
CA GLN A 95 -7.67 -30.37 29.54
C GLN A 95 -7.67 -29.87 28.10
N ILE A 96 -7.90 -28.57 27.89
CA ILE A 96 -7.93 -28.03 26.53
C ILE A 96 -6.57 -28.19 25.87
N LYS A 97 -5.51 -27.84 26.58
CA LYS A 97 -4.16 -27.95 26.04
C LYS A 97 -3.83 -29.40 25.72
N THR A 98 -4.16 -30.32 26.64
CA THR A 98 -3.92 -31.74 26.38
C THR A 98 -4.67 -32.21 25.14
N ASN A 99 -5.92 -31.80 24.97
CA ASN A 99 -6.71 -32.24 23.82
C ASN A 99 -6.13 -31.66 22.52
N ALA A 100 -5.73 -30.39 22.55
CA ALA A 100 -5.11 -29.77 21.38
C ALA A 100 -3.83 -30.50 20.99
N LEU A 101 -3.00 -30.83 21.98
CA LEU A 101 -1.76 -31.56 21.70
C LEU A 101 -2.07 -32.95 21.17
N THR A 102 -3.14 -33.58 21.65
CA THR A 102 -3.55 -34.86 21.08
C THR A 102 -3.89 -34.71 19.62
N ALA A 103 -4.66 -33.69 19.27
CA ALA A 103 -5.04 -33.49 17.88
C ALA A 103 -3.85 -33.12 17.00
N LEU A 104 -2.82 -32.48 17.59
CA LEU A 104 -1.68 -32.02 16.80
C LEU A 104 -1.01 -33.19 16.07
N VAL A 105 -0.96 -34.35 16.71
CA VAL A 105 -0.29 -35.52 16.14
C VAL A 105 -1.28 -36.43 15.40
N SER A 106 -2.46 -35.91 15.06
CA SER A 106 -3.43 -36.68 14.31
C SER A 106 -2.88 -37.05 12.93
N ILE A 107 -3.20 -38.27 12.50
CA ILE A 107 -2.83 -38.72 11.15
C ILE A 107 -3.57 -37.95 10.06
N GLU A 108 -4.62 -37.20 10.42
CA GLU A 108 -5.36 -36.40 9.47
CA GLU A 108 -5.37 -36.40 9.47
C GLU A 108 -4.78 -34.99 9.41
N PRO A 109 -4.15 -34.58 8.30
CA PRO A 109 -3.46 -33.27 8.31
C PRO A 109 -4.35 -32.07 8.56
N ARG A 110 -5.64 -32.16 8.25
CA ARG A 110 -6.54 -31.04 8.52
C ARG A 110 -6.79 -30.87 10.01
N ILE A 111 -6.92 -31.99 10.73
CA ILE A 111 -7.01 -31.95 12.18
C ILE A 111 -5.74 -31.36 12.76
N ALA A 112 -4.59 -31.84 12.25
CA ALA A 112 -3.30 -31.37 12.74
C ALA A 112 -3.12 -29.87 12.53
N ASN A 113 -3.53 -29.38 11.36
CA ASN A 113 -3.43 -27.95 11.08
C ASN A 113 -4.32 -27.12 12.00
N ALA A 114 -5.60 -27.51 12.13
CA ALA A 114 -6.47 -26.79 13.05
C ALA A 114 -5.91 -26.79 14.47
N ALA A 115 -5.43 -27.95 14.91
CA ALA A 115 -4.85 -28.05 16.24
C ALA A 115 -3.63 -27.16 16.38
N ALA A 116 -2.81 -27.07 15.33
CA ALA A 116 -1.63 -26.22 15.37
C ALA A 116 -2.01 -24.76 15.53
N GLN A 117 -3.07 -24.32 14.84
CA GLN A 117 -3.52 -22.94 15.00
C GLN A 117 -4.05 -22.69 16.40
N LEU A 118 -4.77 -23.65 16.97
CA LEU A 118 -5.29 -23.50 18.33
C LEU A 118 -4.16 -23.44 19.36
N ILE A 119 -3.21 -24.37 19.25
CA ILE A 119 -2.04 -24.36 20.11
C ILE A 119 -1.34 -23.01 20.01
N ALA A 120 -1.18 -22.51 18.78
CA ALA A 120 -0.52 -21.22 18.59
C ALA A 120 -1.24 -20.11 19.33
N ALA A 121 -2.58 -20.09 19.28
CA ALA A 121 -3.34 -19.03 19.97
C ALA A 121 -3.15 -19.10 21.48
N ILE A 122 -3.27 -20.30 22.05
CA ILE A 122 -3.10 -20.43 23.49
C ILE A 122 -1.68 -20.04 23.88
N ALA A 123 -0.68 -20.53 23.14
CA ALA A 123 0.71 -20.19 23.42
C ALA A 123 0.93 -18.69 23.37
N ASP A 124 0.34 -18.03 22.37
CA ASP A 124 0.49 -16.59 22.26
C ASP A 124 -0.07 -15.90 23.49
N ILE A 125 -1.06 -16.49 24.16
CA ILE A 125 -1.51 -15.91 25.41
C ILE A 125 -0.56 -16.26 26.57
N GLU A 126 -0.19 -17.53 26.70
CA GLU A 126 0.43 -18.01 27.93
C GLU A 126 1.95 -17.81 27.99
N LEU A 127 2.67 -18.05 26.89
CA LEU A 127 4.12 -17.96 26.95
C LEU A 127 4.60 -16.60 27.43
N PRO A 128 4.05 -15.47 26.96
CA PRO A 128 4.45 -14.17 27.52
C PRO A 128 4.21 -14.04 29.01
N HIS A 129 3.33 -14.87 29.59
CA HIS A 129 3.09 -14.86 31.03
C HIS A 129 3.85 -15.99 31.74
N GLY A 130 4.91 -16.50 31.14
CA GLY A 130 5.72 -17.56 31.73
C GLY A 130 4.95 -18.83 32.04
N ALA A 131 3.89 -19.12 31.30
CA ALA A 131 3.09 -20.32 31.52
C ALA A 131 3.32 -21.32 30.38
N TRP A 132 2.55 -22.41 30.40
CA TRP A 132 2.69 -23.56 29.51
C TRP A 132 4.17 -23.91 29.30
N PRO A 133 4.95 -24.10 30.36
CA PRO A 133 6.38 -24.40 30.17
C PRO A 133 6.62 -25.75 29.52
N GLU A 134 5.65 -26.65 29.54
CA GLU A 134 5.81 -27.94 28.89
C GLU A 134 5.84 -27.82 27.37
N LEU A 135 5.26 -26.77 26.80
CA LEU A 135 5.03 -26.72 25.36
C LEU A 135 6.34 -26.74 24.60
N MET A 136 7.29 -25.87 24.97
CA MET A 136 8.51 -25.74 24.19
C MET A 136 9.38 -26.97 24.30
N LYS A 137 9.37 -27.64 25.45
CA LYS A 137 10.03 -28.93 25.56
C LYS A 137 9.38 -29.94 24.61
N ILE A 138 8.04 -29.92 24.53
CA ILE A 138 7.36 -30.83 23.60
C ILE A 138 7.74 -30.50 22.16
N MET A 139 7.83 -29.22 21.82
CA MET A 139 8.15 -28.84 20.45
C MET A 139 9.57 -29.26 20.10
N VAL A 140 10.53 -29.01 21.00
CA VAL A 140 11.91 -29.40 20.73
C VAL A 140 12.00 -30.91 20.55
N ASP A 141 11.36 -31.66 21.45
CA ASP A 141 11.38 -33.11 21.31
C ASP A 141 10.68 -33.57 20.03
N ASN A 142 9.62 -32.87 19.62
CA ASN A 142 8.80 -33.28 18.48
C ASN A 142 9.48 -33.11 17.13
N THR A 143 10.44 -32.22 17.01
CA THR A 143 11.20 -32.09 15.77
C THR A 143 12.55 -32.80 15.87
N GLY A 144 12.76 -33.59 16.91
CA GLY A 144 13.96 -34.41 17.00
C GLY A 144 14.06 -35.39 15.85
N ALA A 145 15.31 -35.83 15.60
CA ALA A 145 15.64 -36.49 14.34
C ALA A 145 14.81 -37.74 14.08
N GLU A 146 14.46 -38.48 15.14
CA GLU A 146 13.80 -39.78 14.97
C GLU A 146 12.29 -39.70 15.16
N GLN A 147 11.71 -38.51 15.29
CA GLN A 147 10.27 -38.38 15.33
C GLN A 147 9.68 -38.63 13.94
N PRO A 148 8.44 -39.14 13.86
CA PRO A 148 7.82 -39.34 12.56
C PRO A 148 7.51 -38.02 11.87
N GLU A 149 7.28 -38.12 10.55
CA GLU A 149 7.21 -36.93 9.70
C GLU A 149 6.03 -36.05 10.08
N ASN A 150 4.86 -36.64 10.34
CA ASN A 150 3.68 -35.83 10.63
C ASN A 150 3.84 -35.05 11.93
N VAL A 151 4.52 -35.63 12.92
CA VAL A 151 4.70 -34.92 14.19
C VAL A 151 5.65 -33.76 14.02
N LYS A 152 6.76 -33.98 13.32
CA LYS A 152 7.68 -32.89 12.98
C LYS A 152 6.94 -31.78 12.27
N ARG A 153 6.22 -32.12 11.20
CA ARG A 153 5.62 -31.10 10.35
C ARG A 153 4.53 -30.34 11.09
N ALA A 154 3.66 -31.05 11.81
CA ALA A 154 2.59 -30.38 12.54
C ALA A 154 3.15 -29.46 13.60
N SER A 155 4.21 -29.89 14.28
CA SER A 155 4.80 -29.04 15.31
C SER A 155 5.44 -27.80 14.69
N LEU A 156 6.11 -27.96 13.53
CA LEU A 156 6.68 -26.80 12.84
C LEU A 156 5.59 -25.84 12.38
N LEU A 157 4.46 -26.35 11.89
CA LEU A 157 3.33 -25.49 11.59
C LEU A 157 2.90 -24.71 12.83
N ALA A 158 2.76 -25.39 13.96
CA ALA A 158 2.35 -24.70 15.19
C ALA A 158 3.32 -23.59 15.54
N LEU A 159 4.63 -23.84 15.42
CA LEU A 159 5.61 -22.80 15.74
C LEU A 159 5.48 -21.61 14.77
N GLY A 160 5.28 -21.90 13.49
CA GLY A 160 5.02 -20.83 12.54
C GLY A 160 3.82 -20.00 12.93
N TYR A 161 2.69 -20.65 13.21
CA TYR A 161 1.47 -19.93 13.57
C TYR A 161 1.67 -19.12 14.85
N MET A 162 2.40 -19.69 15.80
CA MET A 162 2.76 -18.96 17.01
C MET A 162 3.40 -17.64 16.69
N CYS A 163 4.42 -17.66 15.82
CA CYS A 163 5.14 -16.42 15.53
C CYS A 163 4.31 -15.47 14.68
N GLU A 164 3.60 -16.00 13.69
CA GLU A 164 2.77 -15.17 12.83
C GLU A 164 1.62 -14.52 13.59
N SER A 165 1.03 -15.24 14.55
CA SER A 165 -0.15 -14.75 15.26
C SER A 165 0.20 -13.68 16.30
N ALA A 166 1.40 -13.74 16.85
CA ALA A 166 1.85 -12.67 17.73
C ALA A 166 2.00 -11.36 16.96
N ASP A 167 1.81 -10.24 17.66
CA ASP A 167 1.92 -8.95 17.01
C ASP A 167 3.34 -8.74 16.49
N PRO A 168 3.50 -8.23 15.26
CA PRO A 168 4.87 -8.03 14.74
C PRO A 168 5.68 -7.08 15.60
N GLN A 169 5.03 -6.08 16.20
CA GLN A 169 5.71 -5.08 17.03
C GLN A 169 5.50 -5.43 18.50
N SER A 170 6.07 -6.57 18.90
CA SER A 170 5.87 -7.07 20.25
C SER A 170 7.05 -7.94 20.64
N GLN A 171 7.24 -8.07 21.96
CA GLN A 171 8.25 -8.94 22.55
C GLN A 171 7.60 -10.16 23.21
N ALA A 172 6.49 -10.63 22.65
CA ALA A 172 5.71 -11.67 23.31
C ALA A 172 6.43 -13.01 23.33
N LEU A 173 7.20 -13.33 22.29
CA LEU A 173 7.88 -14.61 22.19
C LEU A 173 9.38 -14.51 22.42
N VAL A 174 9.89 -13.33 22.82
CA VAL A 174 11.32 -13.18 23.00
C VAL A 174 11.84 -14.23 23.98
N SER A 175 11.16 -14.41 25.10
CA SER A 175 11.65 -15.29 26.15
C SER A 175 11.70 -16.75 25.73
N SER A 176 11.00 -17.13 24.65
CA SER A 176 11.01 -18.50 24.15
C SER A 176 11.92 -18.68 22.93
N SER A 177 12.58 -17.63 22.46
CA SER A 177 13.26 -17.68 21.17
C SER A 177 14.25 -18.85 21.11
N ASN A 178 15.07 -19.02 22.17
CA ASN A 178 16.04 -20.11 22.15
C ASN A 178 15.36 -21.41 21.72
N ASN A 179 14.32 -21.81 22.45
CA ASN A 179 13.71 -23.11 22.18
C ASN A 179 13.00 -23.11 20.83
N ILE A 180 12.37 -21.99 20.47
CA ILE A 180 11.75 -21.91 19.16
C ILE A 180 12.81 -22.21 18.10
N LEU A 181 13.97 -21.57 18.20
CA LEU A 181 14.99 -21.79 17.18
C LEU A 181 15.45 -23.24 17.20
N ILE A 182 15.61 -23.82 18.39
CA ILE A 182 16.06 -25.21 18.44
C ILE A 182 15.04 -26.07 17.70
N ALA A 183 13.76 -25.87 18.00
CA ALA A 183 12.75 -26.70 17.37
C ALA A 183 12.74 -26.48 15.87
N ILE A 184 12.91 -25.22 15.44
CA ILE A 184 12.77 -24.94 14.02
C ILE A 184 13.99 -25.43 13.25
N VAL A 185 15.18 -25.05 13.72
CA VAL A 185 16.39 -25.38 12.97
C VAL A 185 16.59 -26.89 12.92
N GLN A 186 16.13 -27.61 13.95
CA GLN A 186 16.19 -29.06 13.91
C GLN A 186 15.49 -29.62 12.68
N GLY A 187 14.35 -29.02 12.30
CA GLY A 187 13.69 -29.46 11.08
C GLY A 187 14.30 -28.93 9.80
N ALA A 188 15.08 -27.85 9.87
CA ALA A 188 15.57 -27.21 8.66
C ALA A 188 16.89 -27.78 8.16
N GLN A 189 17.70 -28.32 9.06
CA GLN A 189 19.08 -28.68 8.74
C GLN A 189 19.13 -29.79 7.69
N SER A 190 20.32 -29.93 7.07
CA SER A 190 20.46 -30.78 5.90
C SER A 190 20.19 -32.25 6.20
N THR A 191 20.42 -32.69 7.44
CA THR A 191 20.19 -34.10 7.78
C THR A 191 18.72 -34.49 7.67
N GLU A 192 17.79 -33.52 7.75
CA GLU A 192 16.38 -33.87 7.70
C GLU A 192 16.00 -34.39 6.32
N THR A 193 15.29 -35.52 6.29
CA THR A 193 15.04 -36.25 5.07
C THR A 193 13.77 -35.82 4.35
N SER A 194 12.80 -35.24 5.06
CA SER A 194 11.51 -34.94 4.49
C SER A 194 11.50 -33.53 3.91
N LYS A 195 11.19 -33.41 2.62
CA LYS A 195 11.09 -32.09 2.00
C LYS A 195 9.98 -31.27 2.64
N ALA A 196 8.85 -31.92 2.96
CA ALA A 196 7.78 -31.21 3.65
C ALA A 196 8.26 -30.63 4.97
N VAL A 197 9.09 -31.39 5.70
CA VAL A 197 9.56 -30.93 7.00
C VAL A 197 10.53 -29.77 6.84
N ARG A 198 11.48 -29.87 5.90
CA ARG A 198 12.40 -28.76 5.67
C ARG A 198 11.66 -27.51 5.25
N LEU A 199 10.64 -27.66 4.38
CA LEU A 199 9.85 -26.52 3.95
C LEU A 199 9.14 -25.87 5.13
N ALA A 200 8.43 -26.68 5.91
CA ALA A 200 7.74 -26.16 7.09
C ALA A 200 8.71 -25.48 8.04
N ALA A 201 9.91 -26.05 8.21
CA ALA A 201 10.88 -25.46 9.11
C ALA A 201 11.36 -24.11 8.60
N LEU A 202 11.68 -24.01 7.31
CA LEU A 202 12.17 -22.75 6.77
C LEU A 202 11.07 -21.68 6.79
N ASN A 203 9.84 -22.06 6.45
CA ASN A 203 8.73 -21.13 6.51
C ASN A 203 8.50 -20.65 7.94
N ALA A 204 8.54 -21.56 8.90
CA ALA A 204 8.44 -21.17 10.30
C ALA A 204 9.58 -20.24 10.71
N LEU A 205 10.80 -20.52 10.25
CA LEU A 205 11.93 -19.68 10.59
C LEU A 205 11.71 -18.26 10.10
N ALA A 206 11.29 -18.13 8.84
CA ALA A 206 10.89 -16.83 8.31
C ALA A 206 9.87 -16.17 9.23
N ASP A 207 8.85 -16.92 9.65
CA ASP A 207 7.85 -16.35 10.56
C ASP A 207 8.45 -15.89 11.88
N SER A 208 9.51 -16.57 12.32
CA SER A 208 10.07 -16.32 13.66
C SER A 208 11.04 -15.16 13.69
N LEU A 209 11.53 -14.71 12.53
CA LEU A 209 12.68 -13.79 12.52
C LEU A 209 12.51 -12.57 13.42
N ILE A 210 11.30 -12.02 13.52
CA ILE A 210 11.15 -10.80 14.29
C ILE A 210 11.31 -11.03 15.79
N PHE A 211 11.36 -12.28 16.25
CA PHE A 211 11.44 -12.59 17.66
C PHE A 211 12.81 -13.08 18.10
N ILE A 212 13.83 -13.03 17.24
CA ILE A 212 15.11 -13.64 17.55
C ILE A 212 16.22 -12.59 17.58
N LYS A 213 15.89 -11.32 17.81
CA LYS A 213 16.93 -10.28 17.89
C LYS A 213 18.02 -10.68 18.88
N ASN A 214 17.62 -11.11 20.07
CA ASN A 214 18.61 -11.47 21.09
C ASN A 214 19.52 -12.59 20.61
N ASN A 215 18.98 -13.54 19.83
CA ASN A 215 19.81 -14.60 19.29
C ASN A 215 20.74 -14.09 18.19
N MET A 216 20.23 -13.21 17.32
CA MET A 216 21.04 -12.66 16.23
C MET A 216 22.18 -11.79 16.75
N GLU A 217 22.01 -11.17 17.91
CA GLU A 217 23.09 -10.40 18.50
C GLU A 217 24.20 -11.28 19.09
N ARG A 218 24.03 -12.60 19.10
CA ARG A 218 25.06 -13.52 19.56
C ARG A 218 25.77 -14.09 18.34
N GLU A 219 27.07 -13.81 18.23
CA GLU A 219 27.79 -14.14 17.01
C GLU A 219 27.71 -15.63 16.70
N GLY A 220 27.86 -16.50 17.70
CA GLY A 220 27.88 -17.93 17.43
C GLY A 220 26.54 -18.44 16.93
N GLU A 221 25.45 -18.01 17.56
CA GLU A 221 24.11 -18.41 17.11
C GLU A 221 23.80 -17.83 15.73
N ARG A 222 24.14 -16.56 15.51
CA ARG A 222 23.92 -15.94 14.19
C ARG A 222 24.68 -16.70 13.11
N ASN A 223 25.96 -17.01 13.37
CA ASN A 223 26.77 -17.76 12.42
C ASN A 223 26.12 -19.10 12.11
N TYR A 224 25.73 -19.85 13.15
CA TYR A 224 25.16 -21.18 12.90
C TYR A 224 23.86 -21.09 12.10
N LEU A 225 22.97 -20.17 12.50
CA LEU A 225 21.70 -20.02 11.78
C LEU A 225 21.95 -19.66 10.31
N MET A 226 22.84 -18.70 10.05
CA MET A 226 23.12 -18.31 8.67
C MET A 226 23.71 -19.48 7.89
N GLN A 227 24.58 -20.26 8.53
CA GLN A 227 25.11 -21.45 7.89
C GLN A 227 23.99 -22.39 7.46
N VAL A 228 23.02 -22.63 8.35
CA VAL A 228 21.91 -23.53 8.02
C VAL A 228 21.09 -22.96 6.86
N VAL A 229 20.80 -21.66 6.90
CA VAL A 229 19.99 -21.05 5.85
C VAL A 229 20.70 -21.16 4.50
N CYS A 230 21.99 -20.83 4.46
CA CYS A 230 22.74 -20.89 3.20
C CYS A 230 22.81 -22.32 2.68
N GLU A 231 23.19 -23.26 3.56
CA GLU A 231 23.15 -24.67 3.23
C GLU A 231 21.83 -24.98 2.54
N ALA A 232 20.72 -24.47 3.09
CA ALA A 232 19.42 -24.77 2.50
C ALA A 232 19.25 -24.12 1.13
N THR A 233 19.83 -22.93 0.91
CA THR A 233 19.73 -22.33 -0.42
C THR A 233 20.47 -23.14 -1.46
N GLN A 234 21.46 -23.94 -1.06
CA GLN A 234 22.14 -24.80 -2.01
C GLN A 234 21.55 -26.21 -2.09
N ALA A 235 20.39 -26.45 -1.46
CA ALA A 235 19.79 -27.78 -1.50
C ALA A 235 19.33 -28.14 -2.91
N GLU A 236 19.20 -29.44 -3.15
CA GLU A 236 18.85 -29.92 -4.49
C GLU A 236 17.40 -29.61 -4.84
N ASP A 237 16.51 -29.70 -3.86
CA ASP A 237 15.08 -29.51 -4.13
C ASP A 237 14.77 -28.03 -4.28
N ILE A 238 14.02 -27.69 -5.34
CA ILE A 238 13.84 -26.30 -5.71
C ILE A 238 12.90 -25.58 -4.74
N GLU A 239 11.92 -26.29 -4.18
CA GLU A 239 11.04 -25.65 -3.20
C GLU A 239 11.80 -25.34 -1.91
N VAL A 240 12.69 -26.23 -1.49
CA VAL A 240 13.54 -25.95 -0.33
C VAL A 240 14.37 -24.70 -0.59
N GLN A 241 14.99 -24.63 -1.78
CA GLN A 241 15.73 -23.42 -2.15
C GLN A 241 14.85 -22.19 -2.04
N ALA A 242 13.66 -22.23 -2.63
CA ALA A 242 12.78 -21.07 -2.61
C ALA A 242 12.49 -20.62 -1.18
N ALA A 243 12.17 -21.58 -0.31
CA ALA A 243 11.92 -21.24 1.10
C ALA A 243 13.16 -20.61 1.74
N ALA A 244 14.33 -21.21 1.50
CA ALA A 244 15.54 -20.70 2.11
C ALA A 244 15.85 -19.28 1.64
N PHE A 245 15.61 -19.00 0.36
CA PHE A 245 15.82 -17.64 -0.15
C PHE A 245 14.81 -16.67 0.42
N GLY A 246 13.56 -17.09 0.63
CA GLY A 246 12.63 -16.26 1.38
C GLY A 246 13.20 -15.87 2.73
N CYS A 247 13.75 -16.86 3.44
CA CYS A 247 14.41 -16.59 4.72
CA CYS A 247 14.39 -16.58 4.73
C CYS A 247 15.53 -15.59 4.56
N LEU A 248 16.42 -15.83 3.58
CA LEU A 248 17.56 -14.95 3.41
C LEU A 248 17.11 -13.51 3.16
N CYS A 249 16.10 -13.32 2.32
CA CYS A 249 15.66 -11.96 2.01
C CYS A 249 15.12 -11.29 3.26
N LYS A 250 14.29 -12.00 4.02
CA LYS A 250 13.74 -11.41 5.23
C LYS A 250 14.84 -11.09 6.24
N ILE A 251 15.83 -11.97 6.35
CA ILE A 251 16.97 -11.71 7.24
C ILE A 251 17.73 -10.48 6.79
N MET A 252 17.93 -10.32 5.48
CA MET A 252 18.63 -9.14 5.01
C MET A 252 17.86 -7.88 5.36
N SER A 253 16.55 -7.90 5.17
CA SER A 253 15.73 -6.72 5.47
C SER A 253 15.74 -6.40 6.96
N LEU A 254 15.66 -7.41 7.83
CA LEU A 254 15.55 -7.16 9.26
C LEU A 254 16.89 -6.99 9.98
N TYR A 255 17.91 -7.69 9.53
CA TYR A 255 19.21 -7.74 10.19
C TYR A 255 20.32 -7.35 9.22
N TYR A 256 20.02 -6.43 8.31
CA TYR A 256 21.03 -5.87 7.41
C TYR A 256 22.34 -5.60 8.14
N THR A 257 22.26 -5.02 9.34
CA THR A 257 23.46 -4.56 10.03
C THR A 257 24.46 -5.68 10.30
N PHE A 258 24.01 -6.94 10.28
CA PHE A 258 24.87 -8.08 10.57
C PHE A 258 25.31 -8.85 9.32
N MET A 259 25.00 -8.36 8.13
CA MET A 259 25.18 -9.19 6.93
C MET A 259 26.55 -9.06 6.26
N LYS A 260 27.38 -8.10 6.63
CA LYS A 260 28.63 -7.91 5.89
C LYS A 260 29.50 -9.16 5.88
N PRO A 261 29.76 -9.84 6.99
CA PRO A 261 30.60 -11.05 6.92
C PRO A 261 30.00 -12.16 6.09
N TYR A 262 28.68 -12.35 6.15
CA TYR A 262 28.06 -13.41 5.36
C TYR A 262 28.06 -13.07 3.89
N MET A 263 27.87 -11.80 3.55
CA MET A 263 28.00 -11.37 2.16
C MET A 263 29.40 -11.63 1.65
N GLU A 264 30.41 -11.20 2.41
CA GLU A 264 31.79 -11.34 1.96
C GLU A 264 32.18 -12.80 1.81
N GLN A 265 31.82 -13.62 2.79
CA GLN A 265 32.38 -14.97 2.87
C GLN A 265 31.66 -15.98 1.99
N ALA A 266 30.43 -15.70 1.55
CA ALA A 266 29.71 -16.71 0.78
C ALA A 266 28.59 -16.19 -0.11
N LEU A 267 27.68 -15.37 0.45
CA LEU A 267 26.43 -15.12 -0.25
C LEU A 267 26.65 -14.33 -1.55
N TYR A 268 27.63 -13.43 -1.57
CA TYR A 268 27.94 -12.71 -2.79
C TYR A 268 28.24 -13.68 -3.94
N ALA A 269 29.22 -14.56 -3.72
CA ALA A 269 29.59 -15.54 -4.74
C ALA A 269 28.43 -16.46 -5.08
N LEU A 270 27.76 -17.00 -4.05
CA LEU A 270 26.69 -17.97 -4.28
C LEU A 270 25.56 -17.38 -5.12
N THR A 271 25.03 -16.22 -4.70
CA THR A 271 23.88 -15.65 -5.39
C THR A 271 24.26 -15.19 -6.79
N ILE A 272 25.46 -14.64 -6.95
CA ILE A 272 25.90 -14.25 -8.29
C ILE A 272 25.98 -15.48 -9.19
N ALA A 273 26.48 -16.59 -8.65
CA ALA A 273 26.61 -17.80 -9.43
C ALA A 273 25.25 -18.30 -9.91
N THR A 274 24.28 -18.40 -8.97
CA THR A 274 22.98 -18.94 -9.36
C THR A 274 22.14 -17.97 -10.18
N MET A 275 22.50 -16.68 -10.25
CA MET A 275 21.76 -15.78 -11.12
C MET A 275 21.85 -16.19 -12.59
N LYS A 276 22.80 -17.06 -12.95
CA LYS A 276 22.94 -17.53 -14.32
C LYS A 276 22.27 -18.87 -14.55
N SER A 277 21.56 -19.40 -13.56
CA SER A 277 20.92 -20.69 -13.72
C SER A 277 19.98 -20.66 -14.92
N PRO A 278 19.98 -21.71 -15.76
CA PRO A 278 18.98 -21.78 -16.83
C PRO A 278 17.56 -22.00 -16.32
N ASN A 279 17.38 -22.25 -15.02
CA ASN A 279 16.05 -22.39 -14.43
C ASN A 279 15.56 -21.01 -14.00
N ASP A 280 14.42 -20.58 -14.56
CA ASP A 280 13.94 -19.22 -14.31
C ASP A 280 13.57 -19.00 -12.85
N LYS A 281 13.10 -20.05 -12.16
CA LYS A 281 12.69 -19.89 -10.77
C LYS A 281 13.92 -19.65 -9.87
N VAL A 282 14.98 -20.44 -10.07
CA VAL A 282 16.21 -20.27 -9.29
C VAL A 282 16.76 -18.86 -9.49
N ALA A 283 17.00 -18.51 -10.76
CA ALA A 283 17.49 -17.18 -11.08
C ALA A 283 16.63 -16.12 -10.43
N SER A 284 15.31 -16.28 -10.52
CA SER A 284 14.39 -15.33 -9.90
C SER A 284 14.68 -15.18 -8.41
N MET A 285 14.97 -16.30 -7.73
CA MET A 285 15.33 -16.23 -6.32
C MET A 285 16.51 -15.29 -6.10
N THR A 286 17.57 -15.47 -6.88
CA THR A 286 18.74 -14.62 -6.66
C THR A 286 18.41 -13.16 -6.94
N VAL A 287 17.62 -12.92 -7.99
CA VAL A 287 17.22 -11.56 -8.32
C VAL A 287 16.52 -10.93 -7.13
N GLU A 288 15.54 -11.63 -6.54
CA GLU A 288 14.81 -11.07 -5.41
C GLU A 288 15.76 -10.76 -4.27
N PHE A 289 16.77 -11.59 -4.05
CA PHE A 289 17.76 -11.29 -3.02
C PHE A 289 18.45 -9.95 -3.27
N TRP A 290 18.90 -9.73 -4.51
CA TRP A 290 19.62 -8.48 -4.76
C TRP A 290 18.67 -7.28 -4.76
N SER A 291 17.41 -7.47 -5.16
CA SER A 291 16.44 -6.39 -5.03
C SER A 291 16.22 -6.02 -3.56
N THR A 292 16.18 -7.03 -2.68
CA THR A 292 16.05 -6.73 -1.25
C THR A 292 17.24 -5.89 -0.77
N ILE A 293 18.45 -6.29 -1.15
CA ILE A 293 19.63 -5.48 -0.79
C ILE A 293 19.45 -4.04 -1.25
N CYS A 294 19.15 -3.85 -2.53
CA CYS A 294 19.01 -2.48 -3.04
C CYS A 294 17.95 -1.70 -2.27
N GLU A 295 16.79 -2.33 -2.02
CA GLU A 295 15.73 -1.63 -1.30
C GLU A 295 16.19 -1.17 0.07
N GLU A 296 16.96 -2.02 0.76
CA GLU A 296 17.42 -1.66 2.10
C GLU A 296 18.43 -0.52 2.03
N GLU A 297 19.32 -0.55 1.05
CA GLU A 297 20.32 0.51 0.96
C GLU A 297 19.70 1.84 0.51
N ILE A 298 18.67 1.79 -0.33
CA ILE A 298 17.95 3.02 -0.67
C ILE A 298 17.24 3.56 0.57
N ASP A 299 16.62 2.68 1.36
CA ASP A 299 15.94 3.15 2.56
C ASP A 299 16.93 3.75 3.56
N ILE A 300 18.12 3.16 3.66
CA ILE A 300 19.16 3.73 4.53
C ILE A 300 19.52 5.13 4.06
N ALA A 301 19.76 5.28 2.75
CA ALA A 301 20.10 6.60 2.23
C ALA A 301 19.01 7.61 2.53
N TYR A 302 17.75 7.24 2.30
CA TYR A 302 16.64 8.14 2.60
C TYR A 302 16.66 8.56 4.07
N GLU A 303 16.75 7.57 4.98
CA GLU A 303 16.74 7.88 6.40
C GLU A 303 17.90 8.82 6.78
N LEU A 304 19.08 8.59 6.21
CA LEU A 304 20.21 9.46 6.52
C LEU A 304 20.04 10.85 5.91
N ALA A 305 19.30 10.95 4.80
CA ALA A 305 18.98 12.26 4.25
C ALA A 305 18.09 13.02 5.21
N GLN A 306 17.12 12.35 5.82
CA GLN A 306 16.27 13.02 6.80
C GLN A 306 17.05 13.36 8.08
N PHE A 307 17.93 12.46 8.52
CA PHE A 307 18.73 12.67 9.73
C PHE A 307 20.19 12.30 9.45
N PRO A 308 21.06 13.27 9.21
CA PRO A 308 22.46 12.93 8.90
C PRO A 308 23.17 12.14 10.00
N GLN A 309 22.70 12.23 11.25
CA GLN A 309 23.40 11.62 12.37
C GLN A 309 22.79 10.30 12.81
N SER A 310 21.88 9.73 12.02
CA SER A 310 21.32 8.44 12.37
C SER A 310 22.45 7.40 12.45
N PRO A 311 22.32 6.39 13.33
CA PRO A 311 23.38 5.37 13.41
C PRO A 311 23.44 4.46 12.19
N LEU A 312 22.36 4.30 11.44
CA LEU A 312 22.33 3.38 10.31
C LEU A 312 23.48 3.67 9.35
N GLN A 313 24.06 2.61 8.82
CA GLN A 313 25.18 2.70 7.89
C GLN A 313 24.99 1.70 6.76
N SER A 314 25.15 2.16 5.52
CA SER A 314 25.14 1.25 4.39
C SER A 314 26.52 0.64 4.21
N TYR A 315 26.55 -0.66 3.92
CA TYR A 315 27.76 -1.36 3.51
C TYR A 315 27.98 -1.31 2.01
N ASN A 316 27.04 -0.75 1.25
CA ASN A 316 27.23 -0.55 -0.19
C ASN A 316 27.47 -1.86 -0.92
N PHE A 317 26.68 -2.88 -0.56
CA PHE A 317 26.77 -4.18 -1.22
C PHE A 317 26.53 -4.06 -2.72
N ALA A 318 25.46 -3.37 -3.10
CA ALA A 318 25.10 -3.28 -4.51
C ALA A 318 26.16 -2.53 -5.29
N LEU A 319 26.57 -1.36 -4.79
CA LEU A 319 27.56 -0.55 -5.49
C LEU A 319 28.82 -1.37 -5.79
N SER A 320 29.36 -2.04 -4.77
CA SER A 320 30.60 -2.79 -4.95
C SER A 320 30.43 -3.95 -5.92
N SER A 321 29.23 -4.51 -6.04
CA SER A 321 29.00 -5.73 -6.79
C SER A 321 28.51 -5.49 -8.21
N ILE A 322 28.30 -4.24 -8.62
CA ILE A 322 27.70 -3.94 -9.92
C ILE A 322 28.42 -4.67 -11.04
N LYS A 323 29.76 -4.58 -11.04
CA LYS A 323 30.59 -5.19 -12.07
C LYS A 323 30.20 -6.65 -12.29
N ASP A 324 29.92 -7.38 -11.22
CA ASP A 324 29.65 -8.82 -11.30
C ASP A 324 28.17 -9.18 -11.35
N VAL A 325 27.30 -8.38 -10.75
CA VAL A 325 25.86 -8.71 -10.70
C VAL A 325 25.16 -8.26 -11.97
N VAL A 326 25.42 -7.03 -12.41
CA VAL A 326 24.56 -6.41 -13.44
C VAL A 326 24.62 -7.17 -14.76
N PRO A 327 25.77 -7.67 -15.23
CA PRO A 327 25.76 -8.46 -16.47
C PRO A 327 24.83 -9.66 -16.43
N ASN A 328 24.73 -10.32 -15.28
CA ASN A 328 23.81 -11.46 -15.17
C ASN A 328 22.35 -11.02 -15.22
N LEU A 329 22.00 -9.92 -14.55
CA LEU A 329 20.64 -9.37 -14.67
C LEU A 329 20.30 -9.08 -16.13
N LEU A 330 21.16 -8.31 -16.79
CA LEU A 330 20.97 -7.98 -18.19
C LEU A 330 20.70 -9.25 -19.00
N ASN A 331 21.51 -10.29 -18.77
CA ASN A 331 21.28 -11.55 -19.47
C ASN A 331 19.91 -12.11 -19.18
N LEU A 332 19.39 -11.92 -17.96
CA LEU A 332 18.06 -12.42 -17.65
C LEU A 332 16.98 -11.68 -18.42
N LEU A 333 17.26 -10.46 -18.90
CA LEU A 333 16.24 -9.74 -19.65
C LEU A 333 15.78 -10.44 -20.92
N THR A 334 16.57 -11.37 -21.47
CA THR A 334 16.20 -12.02 -22.72
C THR A 334 15.38 -13.28 -22.51
N ARG A 335 14.80 -13.46 -21.33
CA ARG A 335 13.93 -14.60 -21.05
C ARG A 335 12.46 -14.16 -20.98
N GLN A 336 12.05 -13.29 -21.89
CA GLN A 336 10.64 -12.93 -21.99
C GLN A 336 9.82 -14.12 -22.50
N ASN A 337 8.51 -13.93 -22.55
CA ASN A 337 7.60 -14.96 -23.05
C ASN A 337 7.35 -14.77 -24.55
N GLU A 338 7.42 -15.86 -25.32
CA GLU A 338 7.15 -15.82 -26.76
C GLU A 338 5.64 -15.75 -27.02
N ASP A 339 5.05 -14.65 -26.56
CA ASP A 339 3.62 -14.36 -26.72
C ASP A 339 2.75 -15.61 -26.88
N GLU A 341 2.48 -11.59 -25.19
CA GLU A 341 1.03 -11.61 -25.29
C GLU A 341 0.41 -12.06 -23.96
N ASP A 342 1.04 -13.02 -23.30
CA ASP A 342 0.47 -13.58 -22.07
C ASP A 342 0.51 -12.58 -20.93
N ASP A 343 1.56 -11.76 -20.86
CA ASP A 343 1.77 -10.71 -19.86
C ASP A 343 2.02 -11.26 -18.46
N ASP A 344 1.99 -12.57 -18.26
CA ASP A 344 2.23 -13.13 -16.94
C ASP A 344 3.67 -12.86 -16.49
N TRP A 345 3.82 -12.65 -15.18
CA TRP A 345 5.11 -12.28 -14.63
C TRP A 345 6.14 -13.39 -14.83
N ASN A 346 7.41 -13.00 -14.96
CA ASN A 346 8.49 -13.95 -15.14
C ASN A 346 9.79 -13.34 -14.61
N VAL A 347 10.89 -14.10 -14.78
CA VAL A 347 12.19 -13.65 -14.28
C VAL A 347 12.66 -12.40 -15.02
N SER A 348 12.28 -12.24 -16.28
CA SER A 348 12.76 -11.08 -17.04
C SER A 348 12.20 -9.80 -16.44
N MET A 349 10.94 -9.82 -16.00
CA MET A 349 10.37 -8.63 -15.37
C MET A 349 11.00 -8.36 -14.01
N SER A 350 11.26 -9.42 -13.23
CA SER A 350 11.95 -9.23 -11.95
C SER A 350 13.34 -8.65 -12.16
N ALA A 351 14.04 -9.11 -13.19
CA ALA A 351 15.37 -8.60 -13.48
C ALA A 351 15.32 -7.13 -13.89
N GLY A 352 14.30 -6.74 -14.66
CA GLY A 352 14.13 -5.34 -14.98
C GLY A 352 13.89 -4.47 -13.75
N ALA A 353 12.99 -4.91 -12.86
CA ALA A 353 12.76 -4.15 -11.64
C ALA A 353 14.04 -4.05 -10.81
N CYS A 354 14.78 -5.16 -10.73
CA CYS A 354 16.03 -5.14 -9.98
C CYS A 354 17.01 -4.15 -10.59
N LEU A 355 17.15 -4.18 -11.91
CA LEU A 355 18.03 -3.24 -12.59
C LEU A 355 17.68 -1.80 -12.25
N GLN A 356 16.37 -1.50 -12.20
CA GLN A 356 15.97 -0.13 -11.85
C GLN A 356 16.37 0.20 -10.41
N LEU A 357 16.24 -0.77 -9.50
CA LEU A 357 16.70 -0.54 -8.13
C LEU A 357 18.21 -0.27 -8.08
N PHE A 358 18.99 -1.04 -8.84
CA PHE A 358 20.43 -0.79 -8.90
C PHE A 358 20.70 0.63 -9.37
N ALA A 359 19.99 1.08 -10.42
CA ALA A 359 20.26 2.40 -10.96
C ALA A 359 19.88 3.50 -9.96
N GLN A 360 18.76 3.34 -9.26
CA GLN A 360 18.38 4.33 -8.26
C GLN A 360 19.38 4.35 -7.10
N ASN A 361 19.87 3.17 -6.71
CA ASN A 361 20.74 3.08 -5.55
C ASN A 361 22.16 3.52 -5.86
N CYS A 362 22.61 3.33 -7.11
CA CYS A 362 24.02 3.42 -7.45
C CYS A 362 24.33 4.46 -8.52
N GLY A 363 23.34 5.11 -9.09
CA GLY A 363 23.60 6.24 -9.97
C GLY A 363 24.51 5.90 -11.13
N ASN A 364 25.49 6.78 -11.37
CA ASN A 364 26.37 6.65 -12.53
C ASN A 364 27.10 5.31 -12.58
N HIS A 365 27.25 4.61 -11.46
CA HIS A 365 27.98 3.35 -11.51
C HIS A 365 27.27 2.29 -12.34
N ILE A 366 25.97 2.47 -12.64
CA ILE A 366 25.24 1.48 -13.42
C ILE A 366 25.51 1.62 -14.92
N LEU A 367 26.05 2.75 -15.36
CA LEU A 367 26.01 3.12 -16.77
C LEU A 367 26.84 2.18 -17.65
N GLU A 368 28.09 1.91 -17.27
CA GLU A 368 29.01 1.23 -18.18
CA GLU A 368 29.01 1.23 -18.18
C GLU A 368 28.49 -0.14 -18.60
N PRO A 369 28.17 -1.06 -17.68
CA PRO A 369 27.68 -2.39 -18.13
C PRO A 369 26.36 -2.31 -18.89
N VAL A 370 25.46 -1.43 -18.48
CA VAL A 370 24.18 -1.33 -19.18
C VAL A 370 24.36 -0.77 -20.58
N LEU A 371 25.09 0.33 -20.70
CA LEU A 371 25.31 0.92 -22.03
C LEU A 371 26.02 -0.06 -22.95
N GLU A 372 26.94 -0.86 -22.39
CA GLU A 372 27.58 -1.89 -23.21
C GLU A 372 26.54 -2.88 -23.73
N PHE A 373 25.68 -3.38 -22.83
CA PHE A 373 24.62 -4.31 -23.25
C PHE A 373 23.71 -3.68 -24.31
N VAL A 374 23.29 -2.43 -24.09
CA VAL A 374 22.41 -1.76 -25.05
C VAL A 374 23.08 -1.70 -26.42
N GLU A 375 24.32 -1.21 -26.45
CA GLU A 375 25.06 -1.12 -27.72
C GLU A 375 25.15 -2.47 -28.40
N GLN A 376 25.38 -3.53 -27.62
CA GLN A 376 25.54 -4.85 -28.22
C GLN A 376 24.23 -5.38 -28.79
N ASN A 377 23.07 -4.95 -28.24
CA ASN A 377 21.82 -5.65 -28.54
C ASN A 377 20.76 -4.82 -29.23
N ILE A 378 20.87 -3.50 -29.30
CA ILE A 378 19.76 -2.72 -29.81
C ILE A 378 19.55 -2.94 -31.31
N THR A 379 20.57 -3.43 -32.03
CA THR A 379 20.46 -3.76 -33.45
C THR A 379 20.57 -5.26 -33.71
N ALA A 380 20.44 -6.09 -32.69
CA ALA A 380 20.54 -7.54 -32.86
C ALA A 380 19.41 -8.06 -33.74
N ASP A 381 19.61 -9.26 -34.27
CA ASP A 381 18.63 -9.89 -35.14
C ASP A 381 17.47 -10.50 -34.37
N ASN A 382 17.70 -10.91 -33.12
CA ASN A 382 16.68 -11.55 -32.30
C ASN A 382 15.86 -10.48 -31.58
N TRP A 383 14.53 -10.55 -31.71
CA TRP A 383 13.68 -9.56 -31.07
C TRP A 383 13.89 -9.54 -29.56
N ARG A 384 14.23 -10.68 -28.96
CA ARG A 384 14.43 -10.72 -27.52
C ARG A 384 15.59 -9.80 -27.10
N ASN A 385 16.62 -9.71 -27.93
CA ASN A 385 17.78 -8.90 -27.59
C ASN A 385 17.50 -7.41 -27.78
N ARG A 386 16.77 -7.04 -28.84
CA ARG A 386 16.40 -5.63 -28.99
C ARG A 386 15.45 -5.18 -27.89
N GLU A 387 14.45 -5.99 -27.57
CA GLU A 387 13.55 -5.66 -26.47
C GLU A 387 14.32 -5.51 -25.16
N ALA A 388 15.22 -6.47 -24.89
CA ALA A 388 16.06 -6.36 -23.71
C ALA A 388 16.86 -5.07 -23.72
N ALA A 389 17.34 -4.65 -24.89
CA ALA A 389 18.16 -3.44 -24.96
C ALA A 389 17.37 -2.21 -24.55
N VAL A 390 16.16 -2.02 -25.13
CA VAL A 390 15.39 -0.84 -24.73
C VAL A 390 14.90 -0.97 -23.29
N MET A 391 14.61 -2.18 -22.84
CA MET A 391 14.24 -2.37 -21.43
C MET A 391 15.36 -1.88 -20.51
N ALA A 392 16.61 -2.26 -20.82
CA ALA A 392 17.73 -1.86 -19.99
C ALA A 392 17.94 -0.34 -20.04
N PHE A 393 17.89 0.23 -21.24
CA PHE A 393 18.09 1.66 -21.35
C PHE A 393 17.05 2.43 -20.56
N GLY A 394 15.77 2.08 -20.74
CA GLY A 394 14.74 2.73 -19.97
C GLY A 394 14.91 2.51 -18.48
N SER A 395 15.43 1.34 -18.09
CA SER A 395 15.61 1.03 -16.68
C SER A 395 16.74 1.81 -16.02
N ILE A 396 17.63 2.47 -16.77
CA ILE A 396 18.65 3.29 -16.12
C ILE A 396 18.36 4.80 -16.22
N MET A 397 17.12 5.21 -16.54
CA MET A 397 16.85 6.62 -16.68
C MET A 397 16.59 7.33 -15.36
N ASP A 398 16.54 6.60 -14.26
CA ASP A 398 16.34 7.17 -12.95
C ASP A 398 17.50 6.68 -12.09
N GLY A 399 18.36 7.61 -11.67
CA GLY A 399 19.51 7.29 -10.86
C GLY A 399 20.74 8.09 -11.22
N PRO A 400 21.25 7.90 -12.44
CA PRO A 400 22.45 8.64 -12.86
C PRO A 400 22.19 10.14 -12.91
N ASP A 401 23.28 10.91 -13.01
CA ASP A 401 23.14 12.35 -12.99
C ASP A 401 22.66 12.87 -14.35
N LYS A 402 22.37 14.18 -14.38
CA LYS A 402 21.76 14.79 -15.58
C LYS A 402 22.74 14.79 -16.75
N VAL A 403 24.03 15.05 -16.49
CA VAL A 403 25.02 15.14 -17.56
C VAL A 403 25.08 13.82 -18.32
N GLN A 404 25.24 12.71 -17.59
CA GLN A 404 25.35 11.39 -18.22
C GLN A 404 24.08 11.03 -18.97
N ARG A 405 22.93 11.13 -18.29
CA ARG A 405 21.67 10.76 -18.93
C ARG A 405 21.45 11.59 -20.20
N THR A 406 21.62 12.90 -20.12
CA THR A 406 21.41 13.75 -21.28
C THR A 406 22.32 13.34 -22.43
N TYR A 407 23.59 13.05 -22.11
CA TYR A 407 24.53 12.64 -23.15
C TYR A 407 24.05 11.37 -23.84
N TYR A 408 23.70 10.34 -23.06
CA TYR A 408 23.39 9.06 -23.69
C TYR A 408 21.98 9.01 -24.27
N VAL A 409 21.05 9.82 -23.77
CA VAL A 409 19.77 9.96 -24.46
C VAL A 409 19.99 10.60 -25.83
N HIS A 410 20.76 11.69 -25.87
CA HIS A 410 21.07 12.28 -27.16
C HIS A 410 21.69 11.26 -28.10
N GLN A 411 22.62 10.43 -27.60
CA GLN A 411 23.28 9.47 -28.47
C GLN A 411 22.32 8.38 -28.96
N ALA A 412 21.41 7.92 -28.09
CA ALA A 412 20.61 6.74 -28.37
C ALA A 412 19.24 7.04 -28.96
N LEU A 413 18.79 8.28 -28.92
CA LEU A 413 17.41 8.56 -29.28
C LEU A 413 17.11 8.18 -30.73
N PRO A 414 17.99 8.42 -31.70
CA PRO A 414 17.68 7.94 -33.06
C PRO A 414 17.39 6.46 -33.13
N SER A 415 18.25 5.62 -32.56
CA SER A 415 18.02 4.17 -32.60
C SER A 415 16.73 3.78 -31.86
N ILE A 416 16.42 4.48 -30.76
CA ILE A 416 15.22 4.15 -29.99
C ILE A 416 13.98 4.51 -30.78
N LEU A 417 13.96 5.71 -31.37
CA LEU A 417 12.83 6.11 -32.21
C LEU A 417 12.69 5.16 -33.40
N ASN A 418 13.81 4.67 -33.93
CA ASN A 418 13.73 3.73 -35.04
C ASN A 418 13.07 2.43 -34.59
N LEU A 419 13.31 2.01 -33.34
CA LEU A 419 12.66 0.79 -32.88
C LEU A 419 11.14 0.91 -32.76
N MET A 420 10.57 2.11 -32.83
CA MET A 420 9.11 2.20 -32.85
C MET A 420 8.51 1.64 -34.14
N ASN A 421 9.34 1.46 -35.17
CA ASN A 421 8.92 0.79 -36.40
C ASN A 421 9.35 -0.66 -36.43
N ASP A 422 9.75 -1.22 -35.29
CA ASP A 422 10.21 -2.60 -35.25
C ASP A 422 9.09 -3.55 -35.65
N GLN A 423 9.48 -4.68 -36.27
CA GLN A 423 8.51 -5.71 -36.62
C GLN A 423 8.00 -6.49 -35.41
N SER A 424 8.68 -6.39 -34.27
CA SER A 424 8.28 -7.11 -33.07
C SER A 424 7.34 -6.26 -32.24
N LEU A 425 6.15 -6.79 -31.95
CA LEU A 425 5.20 -6.08 -31.09
C LEU A 425 5.80 -5.81 -29.72
N GLN A 426 6.49 -6.80 -29.14
CA GLN A 426 7.10 -6.62 -27.82
C GLN A 426 8.15 -5.50 -27.87
N VAL A 427 8.94 -5.45 -28.94
CA VAL A 427 9.95 -4.41 -29.03
C VAL A 427 9.31 -3.04 -29.06
N LYS A 428 8.25 -2.87 -29.85
CA LYS A 428 7.60 -1.56 -29.93
C LYS A 428 6.95 -1.19 -28.60
N GLU A 429 6.35 -2.16 -27.92
CA GLU A 429 5.74 -1.89 -26.63
C GLU A 429 6.76 -1.36 -25.64
N THR A 430 7.90 -2.06 -25.54
CA THR A 430 8.92 -1.63 -24.58
C THR A 430 9.60 -0.36 -25.03
N THR A 431 9.75 -0.15 -26.34
CA THR A 431 10.33 1.09 -26.84
C THR A 431 9.46 2.29 -26.49
N ALA A 432 8.15 2.16 -26.64
CA ALA A 432 7.25 3.23 -26.22
C ALA A 432 7.41 3.52 -24.74
N TRP A 433 7.44 2.46 -23.92
CA TRP A 433 7.72 2.63 -22.50
C TRP A 433 9.05 3.36 -22.28
N CYS A 434 10.09 2.96 -23.00
CA CYS A 434 11.41 3.55 -22.82
C CYS A 434 11.37 5.04 -23.13
N ILE A 435 10.62 5.44 -24.16
CA ILE A 435 10.49 6.86 -24.46
C ILE A 435 9.80 7.57 -23.32
N GLY A 436 8.78 6.93 -22.73
CA GLY A 436 8.16 7.49 -21.54
C GLY A 436 9.11 7.67 -20.37
N ARG A 437 10.03 6.70 -20.18
CA ARG A 437 11.02 6.81 -19.11
C ARG A 437 11.98 7.97 -19.35
N ILE A 438 12.45 8.11 -20.59
CA ILE A 438 13.30 9.24 -20.95
C ILE A 438 12.56 10.53 -20.67
N ALA A 439 11.31 10.62 -21.12
CA ALA A 439 10.52 11.82 -20.90
C ALA A 439 10.32 12.08 -19.42
N ASP A 440 10.11 11.02 -18.66
CA ASP A 440 9.67 11.18 -17.28
C ASP A 440 10.79 11.70 -16.39
N SER A 441 12.02 11.20 -16.59
N SER A 441 12.02 11.22 -16.58
CA SER A 441 13.10 11.58 -15.69
CA SER A 441 13.11 11.59 -15.69
C SER A 441 13.99 12.70 -16.22
C SER A 441 13.97 12.72 -16.23
N VAL A 442 14.24 12.76 -17.52
CA VAL A 442 15.06 13.84 -18.09
C VAL A 442 14.45 14.38 -19.38
N ALA A 443 13.23 14.95 -19.28
CA ALA A 443 12.52 15.43 -20.46
C ALA A 443 13.29 16.52 -21.18
N GLU A 444 14.09 17.30 -20.46
CA GLU A 444 14.91 18.29 -21.13
CA GLU A 444 14.91 18.29 -21.12
C GLU A 444 15.99 17.65 -22.00
N SER A 445 16.21 16.33 -21.88
CA SER A 445 17.17 15.62 -22.73
C SER A 445 16.71 15.57 -24.19
N ILE A 446 15.42 15.80 -24.44
CA ILE A 446 14.88 15.74 -25.80
C ILE A 446 14.90 17.16 -26.37
N ASP A 447 15.84 17.42 -27.26
CA ASP A 447 16.02 18.76 -27.78
C ASP A 447 14.75 19.23 -28.50
N PRO A 448 14.18 20.39 -28.14
CA PRO A 448 12.92 20.82 -28.77
C PRO A 448 12.96 20.85 -30.29
N GLN A 449 14.08 21.26 -30.89
CA GLN A 449 14.16 21.33 -32.34
C GLN A 449 14.58 20.00 -32.97
N GLN A 450 15.54 19.32 -32.36
CA GLN A 450 16.17 18.17 -33.00
C GLN A 450 15.32 16.90 -32.88
N HIS A 451 14.80 16.62 -31.68
CA HIS A 451 14.19 15.32 -31.42
C HIS A 451 12.76 15.35 -30.90
N LEU A 452 12.32 16.45 -30.28
CA LEU A 452 10.95 16.46 -29.78
C LEU A 452 9.92 16.23 -30.89
N PRO A 453 10.05 16.82 -32.09
CA PRO A 453 9.08 16.50 -33.13
C PRO A 453 9.06 15.02 -33.48
N GLY A 454 10.23 14.37 -33.52
CA GLY A 454 10.27 12.95 -33.80
C GLY A 454 9.70 12.11 -32.66
N VAL A 455 9.90 12.54 -31.42
CA VAL A 455 9.30 11.86 -30.28
C VAL A 455 7.77 11.94 -30.37
N VAL A 456 7.25 13.15 -30.57
CA VAL A 456 5.80 13.32 -30.68
C VAL A 456 5.25 12.47 -31.83
N GLN A 457 5.93 12.51 -32.98
CA GLN A 457 5.45 11.75 -34.13
C GLN A 457 5.44 10.24 -33.82
N ALA A 458 6.47 9.75 -33.12
CA ALA A 458 6.48 8.34 -32.76
C ALA A 458 5.31 8.01 -31.85
N CYS A 459 4.98 8.92 -30.92
CA CYS A 459 3.83 8.68 -30.05
C CYS A 459 2.54 8.67 -30.86
N LEU A 460 2.41 9.57 -31.84
CA LEU A 460 1.19 9.65 -32.64
C LEU A 460 1.00 8.42 -33.50
N ILE A 461 2.08 7.94 -34.14
CA ILE A 461 1.99 6.67 -34.86
C ILE A 461 1.64 5.54 -33.90
N GLY A 462 2.26 5.53 -32.71
CA GLY A 462 2.05 4.43 -31.79
C GLY A 462 0.63 4.37 -31.24
N LEU A 463 -0.02 5.52 -31.08
CA LEU A 463 -1.42 5.52 -30.66
C LEU A 463 -2.32 4.83 -31.67
N GLN A 464 -1.90 4.74 -32.93
CA GLN A 464 -2.67 4.06 -33.96
C GLN A 464 -2.20 2.63 -34.17
N ASP A 465 -1.25 2.17 -33.37
CA ASP A 465 -0.67 0.84 -33.51
C ASP A 465 -1.46 -0.15 -32.67
N HIS A 466 -0.89 -1.33 -32.46
CA HIS A 466 -1.49 -2.32 -31.57
C HIS A 466 -1.81 -1.69 -30.22
N PRO A 467 -2.94 -2.04 -29.60
CA PRO A 467 -3.30 -1.39 -28.33
C PRO A 467 -2.21 -1.43 -27.26
N LYS A 468 -1.39 -2.48 -27.22
CA LYS A 468 -0.31 -2.53 -26.24
C LYS A 468 0.68 -1.38 -26.43
N VAL A 469 1.01 -1.06 -27.68
CA VAL A 469 1.85 0.09 -27.98
C VAL A 469 1.11 1.39 -27.63
N ALA A 470 -0.14 1.49 -28.05
CA ALA A 470 -0.91 2.73 -27.84
C ALA A 470 -1.02 3.08 -26.35
N THR A 471 -1.19 2.09 -25.49
CA THR A 471 -1.29 2.36 -24.06
C THR A 471 0.00 3.00 -23.54
N ASN A 472 1.14 2.43 -23.92
CA ASN A 472 2.40 3.01 -23.48
C ASN A 472 2.63 4.37 -24.09
N CYS A 473 2.11 4.62 -25.29
CA CYS A 473 2.23 5.96 -25.88
C CYS A 473 1.40 6.98 -25.12
N SER A 474 0.23 6.60 -24.63
CA SER A 474 -0.55 7.54 -23.81
C SER A 474 0.18 7.86 -22.51
N TRP A 475 0.72 6.83 -21.84
CA TRP A 475 1.52 7.05 -20.63
CA TRP A 475 1.49 7.09 -20.63
C TRP A 475 2.71 7.97 -20.91
N THR A 476 3.36 7.76 -22.05
CA THR A 476 4.50 8.56 -22.44
C THR A 476 4.11 10.01 -22.69
N ILE A 477 2.95 10.22 -23.32
CA ILE A 477 2.47 11.58 -23.55
C ILE A 477 2.19 12.28 -22.22
N ILE A 478 1.56 11.56 -21.28
CA ILE A 478 1.37 12.13 -19.95
C ILE A 478 2.71 12.59 -19.38
N ASN A 479 3.73 11.72 -19.43
CA ASN A 479 5.04 12.10 -18.90
C ASN A 479 5.60 13.34 -19.59
N LEU A 480 5.52 13.38 -20.92
CA LEU A 480 6.03 14.53 -21.66
C LEU A 480 5.37 15.81 -21.19
N VAL A 481 4.04 15.82 -21.11
CA VAL A 481 3.32 17.03 -20.73
C VAL A 481 3.67 17.42 -19.31
N GLU A 482 3.66 16.45 -18.39
CA GLU A 482 3.93 16.74 -16.99
C GLU A 482 5.33 17.34 -16.81
N GLN A 483 6.32 16.81 -17.51
CA GLN A 483 7.69 17.25 -17.28
C GLN A 483 8.05 18.49 -18.08
N LEU A 484 7.36 18.77 -19.19
CA LEU A 484 7.73 19.92 -20.01
C LEU A 484 6.84 21.14 -19.78
N ALA A 485 5.65 20.96 -19.22
CA ALA A 485 4.72 22.08 -19.11
C ALA A 485 5.26 23.19 -18.21
N GLU A 486 6.10 22.85 -17.23
CA GLU A 486 6.50 23.85 -16.23
C GLU A 486 7.50 24.84 -16.77
N ALA A 487 8.40 24.41 -17.67
CA ALA A 487 9.34 25.33 -18.29
C ALA A 487 8.61 26.48 -18.96
N THR A 488 9.27 27.64 -19.02
CA THR A 488 8.69 28.81 -19.67
C THR A 488 9.70 29.42 -20.65
N PRO A 489 9.37 29.45 -21.95
CA PRO A 489 8.18 28.84 -22.55
C PRO A 489 8.28 27.32 -22.53
N SER A 490 7.16 26.64 -22.61
CA SER A 490 7.20 25.19 -22.71
C SER A 490 7.09 24.78 -24.17
N PRO A 491 7.98 23.93 -24.68
CA PRO A 491 7.88 23.51 -26.08
C PRO A 491 6.67 22.60 -26.34
N ILE A 492 6.18 21.90 -25.32
CA ILE A 492 5.16 20.87 -25.57
C ILE A 492 3.87 21.48 -26.09
N TYR A 493 3.61 22.74 -25.76
CA TYR A 493 2.34 23.35 -26.18
C TYR A 493 2.28 23.51 -27.69
N ASN A 494 3.43 23.65 -28.37
CA ASN A 494 3.41 23.68 -29.83
C ASN A 494 2.82 22.41 -30.41
N PHE A 495 2.83 21.32 -29.65
CA PHE A 495 2.31 20.03 -30.12
C PHE A 495 0.96 19.69 -29.53
N TYR A 496 0.37 20.59 -28.73
CA TYR A 496 -0.91 20.26 -28.09
C TYR A 496 -1.98 19.86 -29.08
N PRO A 497 -2.25 20.62 -30.16
CA PRO A 497 -3.29 20.19 -31.11
C PRO A 497 -3.07 18.78 -31.62
N ALA A 498 -1.90 18.52 -32.19
CA ALA A 498 -1.61 17.20 -32.72
C ALA A 498 -1.80 16.13 -31.65
N LEU A 499 -1.14 16.29 -30.50
CA LEU A 499 -1.30 15.33 -29.42
C LEU A 499 -2.78 15.11 -29.10
N VAL A 500 -3.53 16.20 -28.92
CA VAL A 500 -4.93 16.03 -28.56
C VAL A 500 -5.66 15.27 -29.66
N ASP A 501 -5.42 15.66 -30.91
CA ASP A 501 -6.07 14.93 -32.00
C ASP A 501 -5.75 13.44 -31.90
N GLY A 502 -4.47 13.12 -31.72
CA GLY A 502 -4.11 11.71 -31.62
C GLY A 502 -4.81 11.03 -30.47
N LEU A 503 -4.84 11.69 -29.32
CA LEU A 503 -5.46 11.08 -28.14
C LEU A 503 -6.94 10.88 -28.38
N ILE A 504 -7.60 11.85 -29.03
CA ILE A 504 -9.02 11.66 -29.29
C ILE A 504 -9.22 10.42 -30.14
N GLY A 505 -8.35 10.23 -31.12
CA GLY A 505 -8.46 9.05 -31.96
C GLY A 505 -8.38 7.77 -31.16
N ALA A 506 -7.46 7.73 -30.19
CA ALA A 506 -7.33 6.50 -29.39
C ALA A 506 -8.50 6.37 -28.44
N ALA A 507 -9.04 7.49 -27.98
CA ALA A 507 -10.21 7.43 -27.11
C ALA A 507 -11.43 6.97 -27.89
N ASN A 508 -11.44 7.16 -29.21
CA ASN A 508 -12.52 6.73 -30.07
C ASN A 508 -12.38 5.28 -30.52
N ARG A 509 -11.45 4.52 -29.93
CA ARG A 509 -11.37 3.11 -30.25
C ARG A 509 -12.70 2.42 -29.93
N ILE A 510 -12.98 1.35 -30.69
CA ILE A 510 -14.23 0.61 -30.51
C ILE A 510 -14.16 -0.23 -29.24
N ASP A 511 -12.96 -0.64 -28.82
CA ASP A 511 -12.79 -1.47 -27.64
C ASP A 511 -11.70 -0.88 -26.76
N ASN A 512 -11.56 -1.44 -25.56
CA ASN A 512 -10.53 -1.04 -24.61
C ASN A 512 -9.52 -2.16 -24.40
N GLU A 513 -9.20 -2.89 -25.46
CA GLU A 513 -8.24 -3.97 -25.33
C GLU A 513 -6.89 -3.40 -24.83
N PHE A 514 -6.28 -4.16 -23.92
CA PHE A 514 -5.00 -3.78 -23.30
C PHE A 514 -5.01 -2.36 -22.79
N ASN A 515 -6.20 -1.89 -22.42
CA ASN A 515 -6.41 -0.60 -21.75
C ASN A 515 -6.03 0.59 -22.62
N ALA A 516 -5.95 0.40 -23.94
CA ALA A 516 -5.53 1.50 -24.80
C ALA A 516 -6.54 2.66 -24.81
N ARG A 517 -7.84 2.38 -24.71
CA ARG A 517 -8.81 3.46 -24.76
C ARG A 517 -8.85 4.24 -23.44
N ALA A 518 -8.95 3.53 -22.32
CA ALA A 518 -8.93 4.18 -21.02
C ALA A 518 -7.66 5.00 -20.82
N SER A 519 -6.51 4.46 -21.21
CA SER A 519 -5.26 5.19 -21.10
C SER A 519 -5.34 6.49 -21.89
N ALA A 520 -5.94 6.44 -23.08
CA ALA A 520 -6.06 7.68 -23.86
C ALA A 520 -6.92 8.69 -23.11
N PHE A 521 -8.02 8.23 -22.51
CA PHE A 521 -8.84 9.16 -21.74
C PHE A 521 -8.03 9.74 -20.59
N SER A 522 -7.21 8.91 -19.94
CA SER A 522 -6.38 9.42 -18.86
CA SER A 522 -6.39 9.43 -18.85
C SER A 522 -5.47 10.53 -19.37
N ALA A 523 -4.86 10.32 -20.54
CA ALA A 523 -3.96 11.35 -21.05
C ALA A 523 -4.73 12.62 -21.37
N LEU A 524 -5.97 12.48 -21.85
CA LEU A 524 -6.77 13.67 -22.11
C LEU A 524 -6.97 14.46 -20.84
N THR A 525 -7.14 13.77 -19.70
CA THR A 525 -7.29 14.49 -18.46
C THR A 525 -6.03 15.31 -18.19
N THR A 526 -4.86 14.70 -18.36
CA THR A 526 -3.62 15.44 -18.22
C THR A 526 -3.61 16.64 -19.17
N MET A 527 -4.01 16.43 -20.43
CA MET A 527 -3.98 17.55 -21.37
C MET A 527 -4.82 18.70 -20.85
N VAL A 528 -5.98 18.36 -20.26
CA VAL A 528 -6.86 19.40 -19.74
C VAL A 528 -6.17 20.12 -18.61
N GLU A 529 -5.60 19.36 -17.68
CA GLU A 529 -5.15 19.96 -16.43
C GLU A 529 -3.94 20.85 -16.64
N TYR A 530 -3.13 20.59 -17.67
CA TYR A 530 -1.98 21.42 -17.97
C TYR A 530 -2.24 22.44 -19.07
N ALA A 531 -3.46 22.51 -19.60
CA ALA A 531 -3.70 23.42 -20.72
C ALA A 531 -3.52 24.87 -20.29
N THR A 532 -2.96 25.68 -21.19
CA THR A 532 -2.78 27.10 -20.98
C THR A 532 -3.69 27.86 -21.93
N ASP A 533 -3.77 29.18 -21.73
CA ASP A 533 -4.64 29.98 -22.60
C ASP A 533 -4.19 29.89 -24.06
N THR A 534 -2.88 29.72 -24.29
CA THR A 534 -2.37 29.65 -25.66
C THR A 534 -2.93 28.45 -26.41
N VAL A 535 -3.43 27.43 -25.72
CA VAL A 535 -3.99 26.26 -26.39
C VAL A 535 -5.46 26.14 -26.04
N ALA A 536 -6.10 27.28 -25.77
CA ALA A 536 -7.53 27.26 -25.44
C ALA A 536 -8.32 26.43 -26.45
N GLU A 537 -8.04 26.59 -27.74
CA GLU A 537 -8.80 25.86 -28.75
C GLU A 537 -8.77 24.36 -28.50
N THR A 538 -7.59 23.81 -28.17
CA THR A 538 -7.52 22.36 -27.97
C THR A 538 -8.34 21.95 -26.76
N SER A 539 -8.34 22.78 -25.71
CA SER A 539 -9.25 22.53 -24.59
C SER A 539 -10.68 22.44 -25.09
N ALA A 540 -11.10 23.41 -25.91
CA ALA A 540 -12.44 23.34 -26.47
C ALA A 540 -12.65 22.03 -27.21
N SER A 541 -11.64 21.60 -27.98
CA SER A 541 -11.79 20.36 -28.73
C SER A 541 -12.06 19.19 -27.81
N ILE A 542 -11.39 19.14 -26.64
CA ILE A 542 -11.63 18.04 -25.71
C ILE A 542 -13.04 18.12 -25.18
N SER A 543 -13.48 19.32 -24.80
CA SER A 543 -14.80 19.47 -24.21
C SER A 543 -15.87 18.96 -25.18
N THR A 544 -15.87 19.51 -26.39
CA THR A 544 -16.78 19.05 -27.43
C THR A 544 -16.73 17.54 -27.58
N PHE A 545 -15.52 16.97 -27.58
CA PHE A 545 -15.40 15.54 -27.83
C PHE A 545 -16.07 14.74 -26.72
N VAL A 546 -15.84 15.12 -25.45
CA VAL A 546 -16.31 14.24 -24.39
C VAL A 546 -17.81 14.34 -24.24
N MET A 547 -18.36 15.55 -24.29
CA MET A 547 -19.81 15.72 -24.23
C MET A 547 -20.48 14.90 -25.33
N ASP A 548 -20.13 15.16 -26.59
CA ASP A 548 -20.64 14.36 -27.69
CA ASP A 548 -20.65 14.36 -27.69
C ASP A 548 -20.44 12.88 -27.41
N LYS A 549 -19.25 12.50 -26.94
CA LYS A 549 -18.96 11.09 -26.74
C LYS A 549 -19.88 10.50 -25.70
N LEU A 550 -20.14 11.24 -24.62
CA LEU A 550 -21.08 10.74 -23.63
C LEU A 550 -22.41 10.46 -24.29
N GLY A 551 -22.91 11.41 -25.10
CA GLY A 551 -24.14 11.19 -25.82
C GLY A 551 -24.11 9.90 -26.60
N GLN A 552 -23.00 9.65 -27.29
CA GLN A 552 -22.92 8.46 -28.12
C GLN A 552 -23.08 7.20 -27.28
N THR A 553 -22.41 7.15 -26.12
CA THR A 553 -22.51 5.94 -25.32
C THR A 553 -23.93 5.75 -24.82
N MET A 554 -24.68 6.83 -24.68
CA MET A 554 -26.02 6.71 -24.15
C MET A 554 -27.03 6.38 -25.25
N SER A 555 -26.58 6.23 -26.49
CA SER A 555 -27.42 5.71 -27.55
C SER A 555 -27.36 4.18 -27.64
N VAL A 556 -26.54 3.54 -26.81
CA VAL A 556 -26.32 2.11 -26.88
C VAL A 556 -27.40 1.38 -26.11
N ASP A 557 -28.09 0.46 -26.78
CA ASP A 557 -29.13 -0.35 -26.14
C ASP A 557 -28.45 -1.43 -25.31
N GLU A 558 -28.54 -1.32 -23.98
CA GLU A 558 -27.80 -2.22 -23.11
C GLU A 558 -28.40 -3.61 -23.04
N ASN A 559 -29.62 -3.82 -23.54
CA ASN A 559 -30.24 -5.13 -23.53
C ASN A 559 -29.73 -6.02 -24.65
N GLN A 560 -28.85 -5.53 -25.51
CA GLN A 560 -28.20 -6.37 -26.50
C GLN A 560 -26.75 -6.67 -26.15
N LEU A 561 -26.34 -6.40 -24.91
CA LEU A 561 -24.94 -6.52 -24.51
C LEU A 561 -24.76 -7.72 -23.60
N THR A 562 -23.64 -8.40 -23.75
CA THR A 562 -23.23 -9.40 -22.77
C THR A 562 -22.79 -8.71 -21.49
N LEU A 563 -22.56 -9.51 -20.45
CA LEU A 563 -22.00 -8.96 -19.21
C LEU A 563 -20.68 -8.26 -19.49
N GLU A 564 -19.80 -8.90 -20.26
CA GLU A 564 -18.53 -8.28 -20.59
C GLU A 564 -18.73 -6.99 -21.38
N ASP A 565 -19.57 -7.04 -22.42
CA ASP A 565 -19.92 -5.84 -23.15
C ASP A 565 -20.37 -4.72 -22.21
N ALA A 566 -21.23 -5.07 -21.25
CA ALA A 566 -21.78 -4.07 -20.35
C ALA A 566 -20.69 -3.47 -19.47
N GLN A 567 -19.79 -4.31 -18.95
CA GLN A 567 -18.67 -3.78 -18.16
C GLN A 567 -17.81 -2.85 -18.99
N SER A 568 -17.58 -3.20 -20.26
CA SER A 568 -16.79 -2.33 -21.12
C SER A 568 -17.47 -0.99 -21.31
N LEU A 569 -18.77 -1.00 -21.60
CA LEU A 569 -19.51 0.24 -21.74
C LEU A 569 -19.44 1.07 -20.46
N GLN A 570 -19.61 0.43 -19.30
CA GLN A 570 -19.57 1.16 -18.03
C GLN A 570 -18.20 1.81 -17.82
N GLU A 571 -17.12 1.06 -18.06
CA GLU A 571 -15.78 1.62 -17.92
C GLU A 571 -15.57 2.80 -18.87
N LEU A 572 -16.08 2.68 -20.11
CA LEU A 572 -15.96 3.78 -21.06
C LEU A 572 -16.71 5.02 -20.58
N GLN A 573 -17.92 4.85 -20.05
CA GLN A 573 -18.66 5.99 -19.55
C GLN A 573 -17.95 6.62 -18.35
N SER A 574 -17.35 5.78 -17.50
CA SER A 574 -16.54 6.29 -16.39
C SER A 574 -15.37 7.12 -16.91
N ASN A 575 -14.62 6.61 -17.90
CA ASN A 575 -13.52 7.38 -18.49
C ASN A 575 -14.01 8.73 -18.99
N ILE A 576 -15.13 8.71 -19.72
CA ILE A 576 -15.68 9.94 -20.27
C ILE A 576 -16.04 10.90 -19.14
N LEU A 577 -16.73 10.42 -18.12
CA LEU A 577 -17.20 11.30 -17.06
C LEU A 577 -16.02 11.89 -16.28
N THR A 578 -14.95 11.12 -16.10
CA THR A 578 -13.75 11.66 -15.44
C THR A 578 -13.17 12.82 -16.22
N VAL A 579 -12.97 12.63 -17.54
CA VAL A 579 -12.45 13.75 -18.34
C VAL A 579 -13.42 14.92 -18.31
N LEU A 580 -14.72 14.64 -18.37
CA LEU A 580 -15.73 15.69 -18.39
C LEU A 580 -15.69 16.51 -17.11
N ALA A 581 -15.54 15.83 -15.97
CA ALA A 581 -15.40 16.56 -14.71
C ALA A 581 -14.18 17.47 -14.74
N ALA A 582 -13.05 16.97 -15.28
CA ALA A 582 -11.87 17.82 -15.37
C ALA A 582 -12.13 19.02 -16.29
N VAL A 583 -12.83 18.81 -17.41
CA VAL A 583 -13.14 19.89 -18.33
C VAL A 583 -13.99 20.95 -17.64
N ILE A 584 -15.02 20.50 -16.93
CA ILE A 584 -15.93 21.44 -16.27
C ILE A 584 -15.18 22.27 -15.24
N ARG A 585 -14.34 21.62 -14.44
CA ARG A 585 -13.61 22.36 -13.41
C ARG A 585 -12.60 23.31 -14.03
N LYS A 586 -11.97 22.93 -15.15
CA LYS A 586 -10.86 23.75 -15.66
C LYS A 586 -11.35 25.06 -16.26
N SER A 587 -12.53 25.07 -16.88
CA SER A 587 -13.03 26.27 -17.56
C SER A 587 -14.47 26.49 -17.13
N PRO A 588 -14.68 27.06 -15.95
CA PRO A 588 -16.06 27.30 -15.48
C PRO A 588 -16.84 28.21 -16.42
N SER A 589 -16.20 29.26 -16.95
CA SER A 589 -16.90 30.20 -17.81
C SER A 589 -17.55 29.51 -19.00
N SER A 590 -16.89 28.50 -19.55
CA SER A 590 -17.40 27.80 -20.72
C SER A 590 -18.56 26.87 -20.42
N VAL A 591 -18.91 26.68 -19.15
CA VAL A 591 -19.85 25.62 -18.78
C VAL A 591 -21.31 26.09 -18.78
N GLU A 592 -21.58 27.34 -18.44
CA GLU A 592 -22.95 27.82 -18.29
C GLU A 592 -23.85 27.43 -19.45
N PRO A 593 -23.51 27.74 -20.71
CA PRO A 593 -24.46 27.50 -21.80
C PRO A 593 -24.93 26.07 -21.92
N VAL A 594 -24.11 25.10 -21.52
CA VAL A 594 -24.43 23.68 -21.67
C VAL A 594 -24.93 23.05 -20.38
N ALA A 595 -25.01 23.83 -19.29
CA ALA A 595 -25.34 23.27 -17.98
C ALA A 595 -26.61 22.43 -18.04
N ASP A 596 -27.70 23.04 -18.52
CA ASP A 596 -28.97 22.31 -18.63
C ASP A 596 -28.76 20.97 -19.30
N MET A 597 -28.20 20.99 -20.51
CA MET A 597 -28.04 19.76 -21.26
C MET A 597 -27.29 18.74 -20.41
N LEU A 598 -26.18 19.16 -19.79
CA LEU A 598 -25.38 18.22 -19.03
C LEU A 598 -26.20 17.58 -17.93
N MET A 599 -26.94 18.38 -17.16
CA MET A 599 -27.73 17.80 -16.08
C MET A 599 -28.77 16.85 -16.64
N GLY A 600 -29.37 17.21 -17.78
CA GLY A 600 -30.29 16.29 -18.43
C GLY A 600 -29.68 14.93 -18.64
N LEU A 601 -28.43 14.90 -19.12
CA LEU A 601 -27.74 13.64 -19.31
C LEU A 601 -27.45 12.97 -17.97
N PHE A 602 -27.00 13.75 -16.99
CA PHE A 602 -26.60 13.15 -15.72
C PHE A 602 -27.79 12.48 -15.04
N PHE A 603 -28.91 13.19 -14.95
CA PHE A 603 -30.12 12.57 -14.41
C PHE A 603 -30.47 11.31 -15.18
N ARG A 604 -30.39 11.35 -16.52
CA ARG A 604 -30.68 10.14 -17.28
C ARG A 604 -29.75 9.01 -16.84
N LEU A 605 -28.46 9.31 -16.73
CA LEU A 605 -27.52 8.29 -16.27
C LEU A 605 -27.89 7.79 -14.89
N LEU A 606 -28.39 8.67 -14.03
CA LEU A 606 -28.76 8.26 -12.68
C LEU A 606 -30.02 7.42 -12.67
N GLU A 607 -30.91 7.61 -13.65
CA GLU A 607 -32.14 6.82 -13.68
C GLU A 607 -31.99 5.52 -14.46
N LYS A 608 -30.85 5.32 -15.11
CA LYS A 608 -30.59 4.06 -15.79
C LYS A 608 -30.68 2.90 -14.83
N LYS A 609 -31.07 1.74 -15.35
CA LYS A 609 -30.88 0.50 -14.61
C LYS A 609 -29.39 0.22 -14.47
N ASP A 610 -29.01 -0.37 -13.33
CA ASP A 610 -27.60 -0.59 -13.00
C ASP A 610 -26.83 0.72 -12.94
N SER A 611 -27.50 1.79 -12.52
CA SER A 611 -26.81 3.07 -12.32
C SER A 611 -25.77 2.99 -11.22
N ALA A 612 -25.87 2.00 -10.33
CA ALA A 612 -24.93 1.88 -9.24
C ALA A 612 -23.48 1.76 -9.72
N PHE A 613 -23.27 1.36 -10.97
CA PHE A 613 -21.91 1.14 -11.45
C PHE A 613 -21.23 2.42 -11.90
N ILE A 614 -21.99 3.42 -12.37
CA ILE A 614 -21.42 4.70 -12.79
C ILE A 614 -21.86 5.88 -11.93
N GLU A 615 -22.76 5.67 -10.96
CA GLU A 615 -23.31 6.82 -10.24
C GLU A 615 -22.21 7.59 -9.52
N ASP A 616 -21.14 6.92 -9.12
CA ASP A 616 -20.02 7.62 -8.48
C ASP A 616 -19.41 8.64 -9.42
N ASP A 617 -19.09 8.24 -10.65
CA ASP A 617 -18.53 9.16 -11.63
C ASP A 617 -19.54 10.23 -12.04
N VAL A 618 -20.83 9.89 -12.04
CA VAL A 618 -21.85 10.91 -12.32
C VAL A 618 -21.86 11.95 -11.22
N PHE A 619 -21.76 11.51 -9.97
CA PHE A 619 -21.73 12.45 -8.86
C PHE A 619 -20.50 13.33 -8.92
N TYR A 620 -19.35 12.75 -9.31
CA TYR A 620 -18.15 13.56 -9.50
CA TYR A 620 -18.15 13.57 -9.49
C TYR A 620 -18.38 14.66 -10.53
N ALA A 621 -19.06 14.33 -11.64
CA ALA A 621 -19.29 15.34 -12.66
C ALA A 621 -20.32 16.37 -12.22
N ILE A 622 -21.35 15.92 -11.49
CA ILE A 622 -22.34 16.85 -10.97
C ILE A 622 -21.68 17.81 -9.99
N SER A 623 -20.80 17.28 -9.14
CA SER A 623 -20.09 18.13 -8.20
C SER A 623 -19.25 19.16 -8.93
N ALA A 624 -18.54 18.75 -9.99
CA ALA A 624 -17.76 19.72 -10.75
C ALA A 624 -18.66 20.81 -11.35
N LEU A 625 -19.80 20.40 -11.92
CA LEU A 625 -20.73 21.38 -12.49
C LEU A 625 -21.23 22.34 -11.41
N ALA A 626 -21.59 21.83 -10.24
CA ALA A 626 -22.01 22.72 -9.14
C ALA A 626 -20.91 23.70 -8.78
N ALA A 627 -19.68 23.20 -8.59
CA ALA A 627 -18.56 24.08 -8.28
C ALA A 627 -18.41 25.18 -9.33
N SER A 628 -18.60 24.83 -10.61
CA SER A 628 -18.40 25.82 -11.67
C SER A 628 -19.55 26.81 -11.79
N LEU A 629 -20.79 26.37 -11.57
CA LEU A 629 -21.94 27.24 -11.73
C LEU A 629 -22.19 28.11 -10.51
N GLY A 630 -21.73 27.70 -9.34
CA GLY A 630 -22.03 28.47 -8.14
C GLY A 630 -23.53 28.53 -7.92
N LYS A 631 -24.03 29.74 -7.66
CA LYS A 631 -25.45 29.93 -7.43
C LYS A 631 -26.29 29.47 -8.61
N GLY A 632 -25.71 29.45 -9.81
CA GLY A 632 -26.41 28.95 -10.99
C GLY A 632 -26.81 27.50 -10.89
N PHE A 633 -26.28 26.76 -9.91
CA PHE A 633 -26.66 25.37 -9.74
C PHE A 633 -27.96 25.19 -8.97
N GLU A 634 -28.43 26.25 -8.29
CA GLU A 634 -29.58 26.09 -7.40
C GLU A 634 -30.79 25.52 -8.12
N LYS A 635 -30.98 25.86 -9.39
CA LYS A 635 -32.16 25.39 -10.13
C LYS A 635 -32.26 23.87 -10.19
N TYR A 636 -31.14 23.16 -10.06
CA TYR A 636 -31.16 21.70 -10.12
C TYR A 636 -31.29 21.06 -8.76
N LEU A 637 -31.27 21.85 -7.69
CA LEU A 637 -31.16 21.28 -6.35
C LEU A 637 -32.41 20.47 -5.99
N GLU A 638 -33.59 20.95 -6.38
CA GLU A 638 -34.80 20.23 -6.03
C GLU A 638 -34.79 18.82 -6.63
N THR A 639 -34.50 18.72 -7.92
CA THR A 639 -34.44 17.41 -8.57
C THR A 639 -33.28 16.57 -8.06
N PHE A 640 -32.15 17.19 -7.70
CA PHE A 640 -30.98 16.42 -7.30
C PHE A 640 -31.08 15.92 -5.87
N SER A 641 -31.85 16.61 -5.02
CA SER A 641 -31.89 16.30 -3.59
C SER A 641 -32.19 14.84 -3.30
N PRO A 642 -33.21 14.21 -3.91
CA PRO A 642 -33.47 12.80 -3.60
C PRO A 642 -32.27 11.91 -3.87
N TYR A 643 -31.64 12.08 -5.03
CA TYR A 643 -30.43 11.31 -5.34
C TYR A 643 -29.35 11.56 -4.31
N LEU A 644 -29.10 12.84 -3.99
CA LEU A 644 -28.05 13.18 -3.04
C LEU A 644 -28.29 12.49 -1.69
N LEU A 645 -29.50 12.62 -1.14
CA LEU A 645 -29.79 12.01 0.15
C LEU A 645 -29.65 10.49 0.11
N LYS A 646 -30.19 9.86 -0.94
CA LYS A 646 -30.05 8.40 -1.06
C LYS A 646 -28.57 8.01 -1.11
N ALA A 647 -27.77 8.72 -1.88
CA ALA A 647 -26.35 8.41 -1.97
C ALA A 647 -25.66 8.61 -0.62
N LEU A 648 -25.96 9.71 0.05
CA LEU A 648 -25.33 9.99 1.34
C LEU A 648 -25.62 8.88 2.34
N ASN A 649 -26.84 8.32 2.30
CA ASN A 649 -27.20 7.28 3.25
C ASN A 649 -26.67 5.90 2.87
N GLN A 650 -26.23 5.71 1.62
CA GLN A 650 -25.59 4.45 1.21
C GLN A 650 -24.16 4.43 1.75
N VAL A 651 -24.06 4.32 3.07
CA VAL A 651 -22.77 4.43 3.74
C VAL A 651 -21.83 3.27 3.39
N ASP A 652 -22.36 2.12 2.98
CA ASP A 652 -21.51 1.02 2.56
C ASP A 652 -20.87 1.28 1.20
N SER A 653 -21.58 1.95 0.32
CA SER A 653 -21.13 2.20 -1.05
C SER A 653 -20.19 3.39 -1.10
N PRO A 654 -19.24 3.40 -2.05
CA PRO A 654 -18.37 4.59 -2.20
C PRO A 654 -19.11 5.83 -2.68
N VAL A 655 -20.36 5.69 -3.13
CA VAL A 655 -21.12 6.85 -3.60
C VAL A 655 -21.34 7.86 -2.48
N SER A 656 -21.35 7.40 -1.22
CA SER A 656 -21.58 8.32 -0.11
C SER A 656 -20.40 9.25 0.08
N ILE A 657 -19.18 8.74 -0.12
CA ILE A 657 -17.98 9.58 -0.07
C ILE A 657 -18.09 10.70 -1.08
N THR A 658 -18.44 10.35 -2.32
CA THR A 658 -18.52 11.34 -3.38
C THR A 658 -19.65 12.33 -3.14
N ALA A 659 -20.75 11.86 -2.54
CA ALA A 659 -21.83 12.77 -2.17
C ALA A 659 -21.37 13.75 -1.10
N VAL A 660 -20.59 13.29 -0.13
CA VAL A 660 -19.95 14.22 0.81
C VAL A 660 -19.09 15.22 0.04
N GLY A 661 -18.42 14.76 -1.02
CA GLY A 661 -17.64 15.68 -1.84
C GLY A 661 -18.50 16.71 -2.53
N PHE A 662 -19.74 16.34 -2.89
CA PHE A 662 -20.68 17.33 -3.38
C PHE A 662 -20.96 18.39 -2.32
N ILE A 663 -21.21 17.96 -1.09
CA ILE A 663 -21.42 18.94 -0.01
C ILE A 663 -20.21 19.86 0.09
N ALA A 664 -19.00 19.29 0.04
CA ALA A 664 -17.79 20.10 0.10
C ALA A 664 -17.77 21.13 -1.01
N ASP A 665 -18.14 20.73 -2.22
CA ASP A 665 -18.12 21.67 -3.34
C ASP A 665 -19.14 22.80 -3.15
N ILE A 666 -20.39 22.46 -2.82
CA ILE A 666 -21.40 23.52 -2.76
C ILE A 666 -21.16 24.43 -1.57
N SER A 667 -20.56 23.93 -0.50
CA SER A 667 -20.24 24.82 0.62
C SER A 667 -19.32 25.94 0.16
N ASN A 668 -18.44 25.68 -0.80
CA ASN A 668 -17.55 26.70 -1.33
C ASN A 668 -18.19 27.50 -2.46
N SER A 669 -18.94 26.84 -3.34
CA SER A 669 -19.47 27.50 -4.54
C SER A 669 -20.75 28.30 -4.29
N LEU A 670 -21.51 27.99 -3.24
CA LEU A 670 -22.76 28.70 -3.01
C LEU A 670 -22.58 29.97 -2.16
N GLU A 671 -21.42 30.15 -1.54
CA GLU A 671 -21.14 31.33 -0.71
C GLU A 671 -22.30 31.52 0.25
N GLU A 672 -22.88 32.72 0.35
CA GLU A 672 -23.91 33.00 1.35
C GLU A 672 -25.05 31.99 1.28
N ASP A 673 -25.45 31.64 0.06
CA ASP A 673 -26.59 30.74 -0.12
C ASP A 673 -26.39 29.36 0.49
N PHE A 674 -25.18 28.98 0.92
CA PHE A 674 -25.05 27.67 1.54
C PHE A 674 -25.68 27.63 2.93
N ARG A 675 -25.71 28.77 3.63
CA ARG A 675 -26.18 28.75 5.01
C ARG A 675 -27.57 28.13 5.13
N ARG A 676 -28.46 28.44 4.19
CA ARG A 676 -29.84 27.97 4.25
C ARG A 676 -29.95 26.45 4.19
N TYR A 677 -28.91 25.74 3.75
CA TYR A 677 -28.93 24.28 3.73
C TYR A 677 -28.09 23.65 4.84
N SER A 678 -27.26 24.44 5.54
CA SER A 678 -26.23 23.86 6.40
C SER A 678 -26.84 22.97 7.47
N ASP A 679 -27.88 23.44 8.15
CA ASP A 679 -28.47 22.65 9.23
C ASP A 679 -28.86 21.27 8.73
N ALA A 680 -29.57 21.21 7.60
CA ALA A 680 -29.98 19.91 7.08
C ALA A 680 -28.75 19.04 6.85
N MET A 681 -27.74 19.61 6.17
CA MET A 681 -26.52 18.83 5.91
C MET A 681 -25.96 18.29 7.21
N MET A 682 -25.83 19.16 8.22
CA MET A 682 -25.24 18.72 9.48
C MET A 682 -26.02 17.54 10.03
N ASN A 683 -27.35 17.65 10.05
CA ASN A 683 -28.16 16.56 10.55
C ASN A 683 -27.79 15.27 9.82
N VAL A 684 -27.88 15.29 8.48
CA VAL A 684 -27.59 14.07 7.75
C VAL A 684 -26.21 13.55 8.13
N LEU A 685 -25.22 14.45 8.13
CA LEU A 685 -23.86 14.00 8.37
C LEU A 685 -23.74 13.35 9.74
N ALA A 686 -24.39 13.96 10.74
CA ALA A 686 -24.32 13.39 12.09
C ALA A 686 -24.87 11.97 12.10
N GLN A 687 -25.96 11.74 11.39
CA GLN A 687 -26.48 10.38 11.28
C GLN A 687 -25.47 9.48 10.59
N MET A 688 -24.90 9.93 9.47
CA MET A 688 -24.06 9.06 8.65
C MET A 688 -22.88 8.54 9.46
N ILE A 689 -22.13 9.44 10.10
CA ILE A 689 -20.95 9.04 10.83
C ILE A 689 -21.28 8.25 12.08
N SER A 690 -22.56 8.24 12.50
CA SER A 690 -22.99 7.43 13.62
C SER A 690 -23.52 6.07 13.21
N ASN A 691 -23.51 5.75 11.92
CA ASN A 691 -24.06 4.50 11.42
C ASN A 691 -22.99 3.41 11.51
N PRO A 692 -23.22 2.31 12.23
CA PRO A 692 -22.19 1.25 12.29
C PRO A 692 -21.92 0.58 10.96
N ASN A 693 -22.90 0.53 10.07
CA ASN A 693 -22.68 -0.05 8.75
C ASN A 693 -21.85 0.85 7.84
N ALA A 694 -21.27 1.94 8.34
CA ALA A 694 -20.51 2.85 7.50
C ALA A 694 -19.13 2.30 7.19
N ARG A 695 -18.75 2.32 5.92
CA ARG A 695 -17.39 1.96 5.55
C ARG A 695 -16.41 2.91 6.24
N ARG A 696 -15.18 2.45 6.39
CA ARG A 696 -14.19 3.23 7.12
C ARG A 696 -13.91 4.56 6.42
N GLU A 697 -13.80 4.54 5.09
CA GLU A 697 -13.44 5.75 4.34
C GLU A 697 -14.44 6.88 4.56
N LEU A 698 -15.64 6.59 5.06
CA LEU A 698 -16.63 7.63 5.28
C LEU A 698 -16.21 8.54 6.43
N LYS A 699 -15.64 7.97 7.48
CA LYS A 699 -15.31 8.78 8.66
C LYS A 699 -14.41 9.96 8.33
N PRO A 700 -13.25 9.78 7.69
CA PRO A 700 -12.43 10.97 7.36
C PRO A 700 -13.15 11.97 6.49
N ALA A 701 -13.85 11.52 5.44
CA ALA A 701 -14.56 12.43 4.56
C ALA A 701 -15.49 13.36 5.35
N VAL A 702 -16.33 12.77 6.19
CA VAL A 702 -17.25 13.60 6.98
C VAL A 702 -16.48 14.57 7.86
N LEU A 703 -15.42 14.10 8.52
CA LEU A 703 -14.65 15.02 9.34
C LEU A 703 -14.19 16.20 8.50
N SER A 704 -13.62 15.92 7.32
CA SER A 704 -13.11 17.00 6.49
C SER A 704 -14.22 17.97 6.12
N VAL A 705 -15.42 17.45 5.84
CA VAL A 705 -16.45 18.34 5.34
C VAL A 705 -16.96 19.22 6.45
N PHE A 706 -16.86 18.77 7.71
CA PHE A 706 -17.18 19.68 8.81
C PHE A 706 -16.37 20.96 8.69
N GLY A 707 -15.09 20.82 8.34
CA GLY A 707 -14.24 21.99 8.16
C GLY A 707 -14.74 22.86 7.04
N ASP A 708 -15.15 22.25 5.92
CA ASP A 708 -15.73 23.04 4.84
C ASP A 708 -16.94 23.81 5.33
N ILE A 709 -17.83 23.12 6.05
CA ILE A 709 -19.08 23.75 6.44
C ILE A 709 -18.79 24.90 7.40
N ALA A 710 -18.02 24.62 8.45
CA ALA A 710 -17.66 25.67 9.39
C ALA A 710 -16.98 26.83 8.67
N SER A 711 -16.19 26.54 7.64
CA SER A 711 -15.46 27.63 7.02
C SER A 711 -16.41 28.58 6.33
N ASN A 712 -17.49 28.06 5.77
CA ASN A 712 -18.37 28.91 4.99
CA ASN A 712 -18.40 28.88 4.98
C ASN A 712 -19.52 29.52 5.80
N ILE A 713 -20.00 28.86 6.86
CA ILE A 713 -21.12 29.41 7.63
C ILE A 713 -20.67 30.18 8.87
N GLY A 714 -19.38 30.18 9.16
CA GLY A 714 -18.84 31.02 10.21
C GLY A 714 -19.53 30.80 11.54
N ALA A 715 -19.96 31.91 12.15
CA ALA A 715 -20.57 31.87 13.48
C ALA A 715 -21.82 30.98 13.53
N ASP A 716 -22.52 30.80 12.40
CA ASP A 716 -23.67 29.90 12.39
C ASP A 716 -23.29 28.49 12.86
N PHE A 717 -22.00 28.16 12.85
CA PHE A 717 -21.53 26.84 13.23
C PHE A 717 -21.48 26.64 14.74
N ILE A 718 -21.56 27.70 15.52
CA ILE A 718 -21.28 27.58 16.96
C ILE A 718 -22.19 26.57 17.64
N PRO A 719 -23.48 26.48 17.34
CA PRO A 719 -24.31 25.48 18.04
C PRO A 719 -23.89 24.03 17.78
N TYR A 720 -23.22 23.74 16.67
CA TYR A 720 -22.74 22.39 16.39
C TYR A 720 -21.35 22.13 16.95
N LEU A 721 -20.63 23.19 17.33
CA LEU A 721 -19.20 23.10 17.60
C LEU A 721 -18.88 22.01 18.62
N ASN A 722 -19.53 22.07 19.79
CA ASN A 722 -19.22 21.10 20.83
C ASN A 722 -19.29 19.69 20.28
N ASP A 723 -20.42 19.34 19.64
CA ASP A 723 -20.56 17.97 19.15
C ASP A 723 -19.42 17.63 18.20
N ILE A 724 -19.15 18.54 17.24
CA ILE A 724 -18.11 18.25 16.25
C ILE A 724 -16.77 18.09 16.93
N MET A 725 -16.48 18.97 17.90
CA MET A 725 -15.19 18.85 18.57
C MET A 725 -15.08 17.50 19.26
N ALA A 726 -16.18 17.03 19.86
CA ALA A 726 -16.14 15.72 20.49
C ALA A 726 -15.68 14.69 19.46
N LEU A 727 -16.33 14.69 18.29
CA LEU A 727 -15.95 13.75 17.24
C LEU A 727 -14.47 13.88 16.93
N CYS A 728 -14.00 15.10 16.73
CA CYS A 728 -12.61 15.28 16.35
C CYS A 728 -11.71 14.69 17.43
N VAL A 729 -12.00 15.00 18.69
CA VAL A 729 -11.19 14.44 19.77
C VAL A 729 -11.19 12.92 19.69
N ALA A 730 -12.38 12.34 19.61
CA ALA A 730 -12.46 10.88 19.58
C ALA A 730 -11.61 10.34 18.44
N ALA A 731 -11.62 11.04 17.30
CA ALA A 731 -10.89 10.56 16.14
C ALA A 731 -9.39 10.70 16.34
N GLN A 732 -8.93 11.80 16.93
CA GLN A 732 -7.49 12.00 17.01
C GLN A 732 -6.84 11.10 18.06
N ASN A 733 -7.62 10.61 19.03
CA ASN A 733 -7.13 9.73 20.07
C ASN A 733 -7.37 8.26 19.75
N THR A 734 -7.84 7.95 18.55
CA THR A 734 -8.01 6.56 18.14
C THR A 734 -6.67 6.02 17.67
N LYS A 735 -6.14 5.02 18.37
CA LYS A 735 -4.91 4.37 17.96
C LYS A 735 -5.15 3.57 16.69
N PRO A 736 -4.09 3.22 15.96
CA PRO A 736 -4.26 2.29 14.84
C PRO A 736 -4.88 0.99 15.32
N GLU A 737 -5.73 0.40 14.48
CA GLU A 737 -6.34 -0.87 14.83
C GLU A 737 -5.29 -1.96 15.01
N ASN A 738 -4.28 -1.97 14.14
CA ASN A 738 -3.22 -2.97 14.12
CA ASN A 738 -3.21 -2.97 14.22
C ASN A 738 -1.88 -2.25 14.00
N GLY A 739 -0.81 -3.04 13.91
CA GLY A 739 0.49 -2.55 13.51
C GLY A 739 0.73 -2.67 12.02
N THR A 740 -0.22 -3.28 11.30
CA THR A 740 -0.11 -3.43 9.85
C THR A 740 -0.06 -2.08 9.17
N LEU A 741 0.41 -2.08 7.92
CA LEU A 741 0.48 -0.86 7.13
C LEU A 741 -0.91 -0.29 6.86
N GLU A 742 -1.90 -1.16 6.65
CA GLU A 742 -3.24 -0.69 6.32
C GLU A 742 -3.81 0.15 7.45
N ALA A 743 -3.70 -0.34 8.69
CA ALA A 743 -4.28 0.37 9.82
C ALA A 743 -3.57 1.70 10.07
N LEU A 744 -2.24 1.71 10.02
CA LEU A 744 -1.52 2.96 10.24
C LEU A 744 -1.86 3.98 9.16
N ASP A 745 -1.97 3.54 7.91
CA ASP A 745 -2.32 4.46 6.83
C ASP A 745 -3.73 5.00 7.02
N TYR A 746 -4.68 4.14 7.36
CA TYR A 746 -6.03 4.62 7.63
C TYR A 746 -6.02 5.66 8.75
N GLN A 747 -5.28 5.39 9.83
CA GLN A 747 -5.20 6.36 10.92
C GLN A 747 -4.65 7.69 10.43
N ILE A 748 -3.66 7.64 9.53
CA ILE A 748 -3.13 8.87 8.95
C ILE A 748 -4.24 9.61 8.19
N LYS A 749 -5.09 8.88 7.46
CA LYS A 749 -6.18 9.55 6.77
C LYS A 749 -7.11 10.23 7.76
N VAL A 750 -7.45 9.55 8.86
CA VAL A 750 -8.32 10.13 9.87
C VAL A 750 -7.70 11.40 10.44
N LEU A 751 -6.40 11.35 10.78
CA LEU A 751 -5.76 12.53 11.35
C LEU A 751 -5.70 13.68 10.34
N GLU A 752 -5.46 13.37 9.07
CA GLU A 752 -5.49 14.41 8.05
C GLU A 752 -6.86 15.07 7.98
N ALA A 753 -7.94 14.27 8.10
CA ALA A 753 -9.28 14.84 8.09
C ALA A 753 -9.53 15.69 9.32
N VAL A 754 -9.00 15.28 10.48
CA VAL A 754 -9.13 16.12 11.67
C VAL A 754 -8.45 17.47 11.43
N LEU A 755 -7.27 17.44 10.80
CA LEU A 755 -6.59 18.69 10.46
C LEU A 755 -7.48 19.57 9.57
N ASP A 756 -8.11 18.98 8.54
CA ASP A 756 -9.06 19.74 7.74
C ASP A 756 -10.13 20.39 8.61
N ALA A 757 -10.72 19.59 9.51
CA ALA A 757 -11.80 20.08 10.36
C ALA A 757 -11.35 21.29 11.16
N TYR A 758 -10.18 21.19 11.80
CA TYR A 758 -9.71 22.28 12.66
C TYR A 758 -9.38 23.52 11.84
N VAL A 759 -8.81 23.34 10.65
CA VAL A 759 -8.51 24.49 9.80
C VAL A 759 -9.80 25.23 9.46
N GLY A 760 -10.81 24.49 9.02
CA GLY A 760 -12.07 25.12 8.66
C GLY A 760 -12.74 25.79 9.85
N ILE A 761 -12.66 25.17 11.03
CA ILE A 761 -13.31 25.71 12.21
C ILE A 761 -12.61 26.99 12.65
N VAL A 762 -11.29 26.98 12.69
CA VAL A 762 -10.55 28.16 13.11
C VAL A 762 -10.77 29.30 12.11
N ALA A 763 -10.85 28.98 10.81
CA ALA A 763 -11.17 30.01 9.82
C ALA A 763 -12.57 30.57 10.04
N GLY A 764 -13.55 29.69 10.23
CA GLY A 764 -14.92 30.14 10.38
C GLY A 764 -15.15 30.97 11.63
N LEU A 765 -14.48 30.61 12.72
CA LEU A 765 -14.65 31.30 14.00
C LEU A 765 -13.55 32.32 14.25
N HIS A 766 -12.92 32.83 13.19
CA HIS A 766 -11.84 33.79 13.33
CA HIS A 766 -11.84 33.79 13.34
C HIS A 766 -12.24 34.97 14.22
N ASP A 767 -13.51 35.37 14.17
CA ASP A 767 -14.01 36.51 14.94
C ASP A 767 -14.69 36.11 16.25
N LYS A 768 -14.72 34.82 16.57
CA LYS A 768 -15.44 34.32 17.74
C LYS A 768 -14.49 33.55 18.65
N PRO A 769 -13.44 34.20 19.15
CA PRO A 769 -12.47 33.49 19.99
C PRO A 769 -13.08 32.87 21.24
N GLU A 770 -14.16 33.46 21.78
CA GLU A 770 -14.77 32.89 22.96
C GLU A 770 -15.39 31.53 22.67
N ALA A 771 -15.80 31.30 21.42
CA ALA A 771 -16.34 29.99 21.07
C ALA A 771 -15.23 28.96 20.92
N LEU A 772 -14.05 29.38 20.45
CA LEU A 772 -12.96 28.43 20.22
C LEU A 772 -12.17 28.16 21.49
N PHE A 773 -12.18 29.10 22.44
CA PHE A 773 -11.25 29.07 23.58
C PHE A 773 -11.16 27.72 24.27
N PRO A 774 -12.25 27.04 24.64
CA PRO A 774 -12.12 25.79 25.42
C PRO A 774 -11.58 24.62 24.64
N TYR A 775 -11.25 24.77 23.35
CA TYR A 775 -10.76 23.68 22.53
C TYR A 775 -9.31 23.87 22.10
N VAL A 776 -8.67 24.98 22.50
CA VAL A 776 -7.32 25.28 22.03
C VAL A 776 -6.36 24.17 22.43
N GLY A 777 -6.39 23.76 23.70
CA GLY A 777 -5.50 22.69 24.14
C GLY A 777 -5.70 21.41 23.34
N THR A 778 -6.95 21.05 23.08
CA THR A 778 -7.24 19.89 22.24
C THR A 778 -6.59 20.01 20.87
N ILE A 779 -6.72 21.19 20.24
CA ILE A 779 -6.14 21.38 18.92
C ILE A 779 -4.62 21.25 19.01
N PHE A 780 -4.03 21.79 20.08
CA PHE A 780 -2.59 21.69 20.22
C PHE A 780 -2.13 20.26 20.44
N GLN A 781 -2.93 19.45 21.14
CA GLN A 781 -2.62 18.02 21.23
C GLN A 781 -2.56 17.39 19.85
N PHE A 782 -3.56 17.70 19.00
CA PHE A 782 -3.51 17.19 17.64
C PHE A 782 -2.24 17.64 16.92
N ILE A 783 -1.93 18.94 17.02
CA ILE A 783 -0.76 19.47 16.32
C ILE A 783 0.50 18.74 16.78
N ALA A 784 0.60 18.46 18.09
CA ALA A 784 1.71 17.67 18.58
C ALA A 784 1.77 16.32 17.89
N GLN A 785 0.61 15.67 17.71
CA GLN A 785 0.61 14.44 16.94
C GLN A 785 1.20 14.65 15.55
N VAL A 786 0.89 15.79 14.92
CA VAL A 786 1.46 16.07 13.60
C VAL A 786 2.97 16.15 13.70
N ALA A 787 3.47 16.88 14.70
CA ALA A 787 4.91 17.09 14.83
C ALA A 787 5.66 15.81 15.18
N GLU A 788 4.97 14.80 15.71
CA GLU A 788 5.64 13.55 16.10
C GLU A 788 5.74 12.53 14.97
N ASP A 789 4.73 12.41 14.12
CA ASP A 789 4.69 11.32 13.15
C ASP A 789 5.16 11.83 11.79
N PRO A 790 6.23 11.28 11.21
CA PRO A 790 6.69 11.76 9.89
C PRO A 790 5.66 11.59 8.79
N GLN A 791 4.81 10.57 8.87
CA GLN A 791 3.76 10.43 7.86
C GLN A 791 2.87 11.66 7.78
N LEU A 792 2.86 12.48 8.84
CA LEU A 792 2.15 13.75 8.86
C LEU A 792 3.07 14.93 8.53
N TYR A 793 4.10 15.17 9.35
CA TYR A 793 4.84 16.41 9.18
C TYR A 793 5.69 16.42 7.92
N SER A 794 6.09 15.25 7.42
CA SER A 794 6.88 15.22 6.19
C SER A 794 6.07 15.65 4.96
N GLU A 795 4.74 15.65 5.06
CA GLU A 795 3.90 16.12 3.97
C GLU A 795 3.82 17.64 4.01
N ASP A 796 4.24 18.28 2.91
CA ASP A 796 4.31 19.74 2.85
C ASP A 796 2.97 20.39 3.24
N ALA A 797 1.87 19.89 2.67
CA ALA A 797 0.56 20.52 2.91
C ALA A 797 0.12 20.32 4.36
N THR A 798 0.39 19.15 4.93
CA THR A 798 0.03 18.89 6.32
C THR A 798 0.77 19.85 7.25
N SER A 799 2.08 19.97 7.07
CA SER A 799 2.85 20.87 7.93
C SER A 799 2.45 22.32 7.71
N ARG A 800 2.16 22.70 6.47
CA ARG A 800 1.71 24.07 6.22
C ARG A 800 0.41 24.36 6.97
N ALA A 801 -0.54 23.43 6.92
CA ALA A 801 -1.79 23.65 7.63
C ALA A 801 -1.60 23.68 9.14
N ALA A 802 -0.78 22.77 9.68
CA ALA A 802 -0.62 22.69 11.13
C ALA A 802 0.10 23.92 11.69
N VAL A 803 1.22 24.30 11.08
CA VAL A 803 1.93 25.49 11.55
C VAL A 803 1.05 26.72 11.31
N GLY A 804 0.25 26.71 10.24
CA GLY A 804 -0.74 27.76 10.06
C GLY A 804 -1.72 27.86 11.21
N LEU A 805 -2.20 26.71 11.70
CA LEU A 805 -3.06 26.71 12.88
C LEU A 805 -2.36 27.35 14.06
N ILE A 806 -1.07 27.03 14.27
CA ILE A 806 -0.34 27.62 15.39
C ILE A 806 -0.43 29.15 15.29
N GLY A 807 -0.17 29.67 14.08
CA GLY A 807 -0.17 31.12 13.91
C GLY A 807 -1.54 31.76 14.07
N ASP A 808 -2.54 31.23 13.35
CA ASP A 808 -3.87 31.84 13.34
C ASP A 808 -4.50 31.79 14.73
N ILE A 809 -4.43 30.63 15.40
CA ILE A 809 -4.96 30.56 16.75
C ILE A 809 -4.24 31.58 17.64
N ALA A 810 -2.92 31.68 17.52
CA ALA A 810 -2.21 32.71 18.28
C ALA A 810 -2.79 34.09 18.01
N ALA A 811 -3.04 34.41 16.74
CA ALA A 811 -3.54 35.74 16.39
C ALA A 811 -4.93 35.99 16.95
N MET A 812 -5.72 34.93 17.15
CA MET A 812 -7.08 35.12 17.63
C MET A 812 -7.13 35.52 19.10
N PHE A 813 -6.10 35.20 19.88
CA PHE A 813 -6.12 35.51 21.32
C PHE A 813 -4.96 36.42 21.67
N PRO A 814 -5.11 37.74 21.55
CA PRO A 814 -4.06 38.66 22.02
C PRO A 814 -4.10 38.92 23.52
N ASP A 815 -5.08 38.37 24.24
CA ASP A 815 -5.19 38.59 25.68
C ASP A 815 -4.17 37.79 26.48
N GLY A 816 -3.39 36.91 25.85
CA GLY A 816 -2.47 36.07 26.58
C GLY A 816 -3.10 34.88 27.26
N SER A 817 -4.39 34.62 27.01
CA SER A 817 -5.11 33.53 27.66
C SER A 817 -4.63 32.15 27.22
N ILE A 818 -3.92 32.05 26.09
CA ILE A 818 -3.41 30.77 25.61
C ILE A 818 -1.89 30.78 25.47
N LYS A 819 -1.21 31.77 26.06
CA LYS A 819 0.23 31.87 25.91
C LYS A 819 0.97 30.67 26.50
N GLN A 820 0.35 29.97 27.45
CA GLN A 820 0.97 28.80 28.06
C GLN A 820 1.32 27.71 27.04
N PHE A 821 0.70 27.71 25.86
CA PHE A 821 1.04 26.72 24.84
C PHE A 821 2.24 27.11 24.00
N TYR A 822 2.62 28.40 23.99
CA TYR A 822 3.60 28.90 23.03
C TYR A 822 5.02 28.93 23.58
N GLY A 823 5.26 28.40 24.77
CA GLY A 823 6.60 28.24 25.30
C GLY A 823 7.13 26.81 25.25
N GLN A 824 6.44 25.91 24.58
CA GLN A 824 6.82 24.51 24.58
C GLN A 824 7.95 24.26 23.58
N ASP A 825 8.96 23.50 24.01
CA ASP A 825 10.07 23.18 23.13
C ASP A 825 9.57 22.55 21.84
N TRP A 826 8.57 21.67 21.92
CA TRP A 826 8.15 20.97 20.71
C TRP A 826 7.49 21.92 19.71
N VAL A 827 6.78 22.95 20.21
CA VAL A 827 6.19 23.94 19.31
C VAL A 827 7.28 24.73 18.60
N ILE A 828 8.20 25.30 19.36
CA ILE A 828 9.30 26.08 18.78
C ILE A 828 10.07 25.24 17.77
N ASP A 829 10.48 24.04 18.19
CA ASP A 829 11.25 23.15 17.31
C ASP A 829 10.47 22.83 16.05
N TYR A 830 9.17 22.58 16.16
CA TYR A 830 8.36 22.26 14.99
C TYR A 830 8.29 23.44 14.03
N ILE A 831 8.03 24.64 14.56
CA ILE A 831 8.05 25.84 13.74
C ILE A 831 9.37 25.95 12.99
N LYS A 832 10.48 25.68 13.68
CA LYS A 832 11.79 25.86 13.06
C LYS A 832 12.07 24.80 12.00
N ARG A 833 11.70 23.55 12.27
CA ARG A 833 11.86 22.51 11.25
C ARG A 833 11.03 22.83 10.02
N THR A 834 9.81 23.33 10.21
CA THR A 834 8.96 23.66 9.07
C THR A 834 9.47 24.88 8.33
N ARG A 835 10.06 25.83 9.04
CA ARG A 835 10.58 27.05 8.44
C ARG A 835 11.89 26.80 7.69
N SER A 836 12.65 25.79 8.09
CA SER A 836 14.00 25.55 7.56
C SER A 836 14.06 24.41 6.55
N GLY A 837 13.30 23.34 6.75
CA GLY A 837 13.31 22.20 5.85
C GLY A 837 13.12 22.61 4.41
N GLN A 838 14.09 22.33 3.55
CA GLN A 838 14.07 22.89 2.20
C GLN A 838 13.25 22.07 1.22
N LEU A 839 12.90 20.82 1.54
CA LEU A 839 11.91 20.12 0.73
C LEU A 839 10.50 20.67 0.95
N PHE A 840 10.30 21.45 2.01
CA PHE A 840 9.05 22.18 2.17
C PHE A 840 9.00 23.35 1.19
N SER A 841 7.83 23.57 0.61
CA SER A 841 7.66 24.65 -0.34
C SER A 841 7.87 26.00 0.35
N GLN A 842 7.88 27.06 -0.46
CA GLN A 842 8.07 28.39 0.09
C GLN A 842 6.81 28.91 0.76
N ALA A 843 5.62 28.48 0.31
CA ALA A 843 4.40 28.84 1.01
C ALA A 843 4.40 28.28 2.42
N THR A 844 4.84 27.03 2.57
CA THR A 844 4.96 26.43 3.90
C THR A 844 5.92 27.21 4.78
N LYS A 845 7.06 27.63 4.21
CA LYS A 845 8.04 28.36 5.02
C LYS A 845 7.53 29.75 5.38
N ASP A 846 6.78 30.38 4.48
CA ASP A 846 6.13 31.65 4.80
C ASP A 846 5.16 31.48 5.96
N THR A 847 4.33 30.44 5.89
CA THR A 847 3.40 30.17 6.98
C THR A 847 4.14 29.93 8.29
N ALA A 848 5.27 29.19 8.23
CA ALA A 848 6.06 28.96 9.43
C ALA A 848 6.62 30.27 9.98
N ARG A 849 6.99 31.20 9.10
CA ARG A 849 7.43 32.51 9.57
C ARG A 849 6.31 33.23 10.30
N TRP A 850 5.12 33.27 9.71
CA TRP A 850 3.96 33.85 10.40
C TRP A 850 3.78 33.22 11.78
N ALA A 851 3.84 31.88 11.83
CA ALA A 851 3.68 31.18 13.11
C ALA A 851 4.76 31.57 14.10
N ARG A 852 5.99 31.76 13.63
CA ARG A 852 7.09 32.14 14.52
C ARG A 852 6.87 33.54 15.10
N GLU A 853 6.49 34.49 14.23
CA GLU A 853 6.14 35.83 14.70
C GLU A 853 5.09 35.75 15.80
N GLN A 854 3.98 35.05 15.53
CA GLN A 854 2.89 35.02 16.50
C GLN A 854 3.29 34.30 17.78
N GLN A 855 4.06 33.22 17.67
CA GLN A 855 4.51 32.50 18.85
C GLN A 855 5.38 33.37 19.74
N LYS A 856 6.37 34.04 19.15
CA LYS A 856 7.22 34.95 19.92
C LYS A 856 6.40 36.05 20.57
N ARG A 857 5.44 36.62 19.84
CA ARG A 857 4.56 37.61 20.45
C ARG A 857 3.79 37.02 21.62
N GLN A 858 3.38 35.75 21.51
CA GLN A 858 2.67 35.11 22.61
C GLN A 858 3.55 34.99 23.84
N LEU A 859 4.84 34.66 23.65
CA LEU A 859 5.76 34.63 24.78
C LEU A 859 5.96 36.02 25.36
N SER A 860 5.87 37.06 24.53
CA SER A 860 6.00 38.42 25.05
C SER A 860 4.91 38.74 26.06
N LEU A 861 3.70 38.22 25.87
CA LEU A 861 2.58 38.52 26.76
C LEU A 861 2.81 37.92 28.13
N ASN B 974 40.24 -1.20 7.15
CA ASN B 974 39.53 -1.36 5.89
C ASN B 974 38.09 -1.83 6.12
N SER B 975 37.23 -0.91 6.54
CA SER B 975 35.81 -1.21 6.73
C SER B 975 35.05 -0.90 5.44
N SER B 976 35.34 -1.71 4.43
CA SER B 976 34.68 -1.62 3.14
C SER B 976 34.32 -3.02 2.68
N PHE B 977 33.35 -3.11 1.77
CA PHE B 977 32.84 -4.40 1.33
C PHE B 977 33.84 -5.03 0.36
N THR B 978 34.46 -6.12 0.79
CA THR B 978 35.46 -6.84 0.00
C THR B 978 35.04 -8.30 -0.07
N PRO B 979 34.17 -8.67 -1.01
CA PRO B 979 33.74 -10.07 -1.08
C PRO B 979 34.77 -10.96 -1.75
N SER B 980 34.75 -12.23 -1.36
CA SER B 980 35.58 -13.26 -1.95
C SER B 980 34.80 -14.00 -3.03
N THR B 981 35.53 -14.43 -4.06
CA THR B 981 34.96 -15.29 -5.08
C THR B 981 34.91 -16.74 -4.67
N VAL B 982 35.48 -17.09 -3.52
CA VAL B 982 35.47 -18.48 -3.04
C VAL B 982 34.50 -18.58 -1.87
N PRO B 983 33.27 -19.05 -2.09
CA PRO B 983 32.30 -19.07 -1.00
C PRO B 983 32.61 -20.17 0.00
N ASN B 984 32.40 -19.86 1.28
CA ASN B 984 32.52 -20.83 2.36
C ASN B 984 31.43 -20.54 3.39
N ILE B 985 30.44 -21.42 3.49
CA ILE B 985 29.27 -21.15 4.31
C ILE B 985 29.46 -21.65 5.74
N ASN B 986 30.67 -22.12 6.07
CA ASN B 986 30.97 -22.57 7.43
C ASN B 986 31.38 -21.37 8.28
N PHE B 987 30.38 -20.53 8.59
CA PHE B 987 30.65 -19.23 9.19
C PHE B 987 31.23 -19.33 10.60
N SER B 988 31.04 -20.45 11.29
CA SER B 988 31.59 -20.61 12.63
C SER B 988 33.13 -20.68 12.58
N THR B 999 32.07 -32.83 6.62
CA THR B 999 31.02 -32.23 7.42
C THR B 999 31.32 -32.41 8.92
N ASN B 1000 30.91 -31.42 9.72
CA ASN B 1000 31.11 -31.44 11.16
C ASN B 1000 29.76 -31.50 11.86
N ALA B 1001 29.63 -32.41 12.83
CA ALA B 1001 28.38 -32.58 13.55
C ALA B 1001 28.08 -31.34 14.39
N LEU B 1002 26.82 -30.91 14.37
CA LEU B 1002 26.39 -29.74 15.11
C LEU B 1002 24.91 -29.88 15.44
N ARG B 1003 24.55 -29.67 16.71
CA ARG B 1003 23.17 -29.73 17.16
C ARG B 1003 22.63 -28.33 17.41
N PRO B 1004 21.41 -28.01 16.96
CA PRO B 1004 20.82 -26.71 17.37
C PRO B 1004 20.75 -26.56 18.88
N SER B 1005 20.46 -27.65 19.60
CA SER B 1005 20.41 -27.59 21.06
C SER B 1005 21.77 -27.26 21.66
N ASP B 1006 22.86 -27.57 20.96
CA ASP B 1006 24.18 -27.18 21.43
C ASP B 1006 24.55 -25.75 21.05
N ILE B 1007 23.75 -25.09 20.24
CA ILE B 1007 24.06 -23.74 19.78
C ILE B 1007 23.13 -22.73 20.46
N PHE B 1008 21.84 -22.80 20.15
CA PHE B 1008 20.91 -21.76 20.58
C PHE B 1008 20.68 -21.86 22.08
N GLY B 1009 20.85 -20.73 22.76
CA GLY B 1009 20.80 -20.70 24.21
C GLY B 1009 21.93 -21.40 24.91
N ALA B 1010 22.89 -21.96 24.17
CA ALA B 1010 23.95 -22.76 24.78
C ALA B 1010 25.09 -21.91 25.33
N ASN B 1011 25.32 -20.73 24.76
CA ASN B 1011 26.35 -19.82 25.26
C ASN B 1011 27.73 -20.50 25.24
N ALA B 1012 27.96 -21.37 24.26
CA ALA B 1012 29.22 -22.10 24.15
C ALA B 1012 30.07 -21.55 23.02
#